data_3F5O
#
_entry.id   3F5O
#
_cell.length_a   91.032
_cell.length_b   110.632
_cell.length_c   119.819
_cell.angle_alpha   90.00
_cell.angle_beta   90.00
_cell.angle_gamma   90.00
#
_symmetry.space_group_name_H-M   'P 21 21 21'
#
loop_
_entity.id
_entity.type
_entity.pdbx_description
1 polymer 'Thioesterase superfamily member 2'
2 non-polymer 'CHLORIDE ION'
3 non-polymer undecan-2-one
4 non-polymer 'COENZYME A'
5 non-polymer 'HEXAETHYLENE GLYCOL'
6 water water
#
_entity_poly.entity_id   1
_entity_poly.type   'polypeptide(L)'
_entity_poly.pdbx_seq_one_letter_code
;MTSMTQSLREVIKAMTKARNFERVLGKITLVSAAPGKVICEMKVEEEHTNAIGTLHGGLTATLVDNISTMALLCTERGAP
GVSVDMNITYMSPAKLGEDIVITAHVLKQGKTLAFTSVDLTNKATGKLIAQGRHTKHLGNLEHHHHHH
;
_entity_poly.pdbx_strand_id   A,B,C,D,E,F,G,H
#
# COMPACT_ATOMS: atom_id res chain seq x y z
N THR A 2 -30.03 45.75 20.94
CA THR A 2 -30.41 45.26 22.31
C THR A 2 -29.48 45.84 23.40
N SER A 3 -29.89 45.68 24.65
CA SER A 3 -29.06 46.12 25.77
C SER A 3 -27.73 45.39 25.79
N MET A 4 -27.76 44.11 25.40
CA MET A 4 -26.54 43.29 25.37
C MET A 4 -25.53 43.79 24.34
N THR A 5 -26.00 44.06 23.13
CA THR A 5 -25.16 44.64 22.11
C THR A 5 -24.58 45.96 22.59
N GLN A 6 -25.42 46.80 23.19
CA GLN A 6 -24.97 48.12 23.67
C GLN A 6 -23.88 48.00 24.71
N SER A 7 -24.08 47.08 25.66
CA SER A 7 -23.10 46.79 26.72
C SER A 7 -21.78 46.33 26.11
N LEU A 8 -21.85 45.35 25.23
CA LEU A 8 -20.61 44.85 24.64
C LEU A 8 -19.88 45.90 23.81
N ARG A 9 -20.65 46.71 23.05
CA ARG A 9 -20.07 47.76 22.24
C ARG A 9 -19.21 48.71 23.09
N GLU A 10 -19.72 49.06 24.27
CA GLU A 10 -19.01 49.98 25.19
C GLU A 10 -17.77 49.31 25.83
N VAL A 11 -17.88 48.02 26.13
CA VAL A 11 -16.73 47.21 26.59
C VAL A 11 -15.60 47.23 25.53
N ILE A 12 -15.97 47.03 24.27
CA ILE A 12 -14.99 47.03 23.19
C ILE A 12 -14.33 48.40 23.03
N LYS A 13 -15.14 49.45 22.90
CA LYS A 13 -14.63 50.80 22.69
C LYS A 13 -13.61 51.15 23.77
N ALA A 14 -13.99 50.87 25.02
CA ALA A 14 -13.15 51.13 26.18
C ALA A 14 -11.85 50.33 26.15
N MET A 15 -11.94 49.03 25.87
CA MET A 15 -10.77 48.16 25.96
C MET A 15 -9.74 48.39 24.84
N THR A 16 -10.21 48.86 23.68
CA THR A 16 -9.34 49.07 22.51
C THR A 16 -8.59 50.40 22.51
N LYS A 17 -8.84 51.26 23.50
CA LYS A 17 -8.17 52.58 23.57
C LYS A 17 -6.81 52.53 24.27
N ALA A 18 -6.50 51.38 24.85
CA ALA A 18 -5.31 51.19 25.68
C ALA A 18 -4.02 51.19 24.85
N ARG A 19 -2.87 51.23 25.51
CA ARG A 19 -1.58 51.10 24.85
C ARG A 19 -1.23 49.62 24.60
N ASN A 20 -2.00 48.74 25.22
CA ASN A 20 -1.73 47.31 25.16
C ASN A 20 -2.13 46.71 23.81
N PHE A 21 -1.98 45.39 23.67
CA PHE A 21 -2.23 44.73 22.39
C PHE A 21 -3.69 44.82 21.94
N GLU A 22 -4.62 45.04 22.88
CA GLU A 22 -6.06 45.13 22.54
C GLU A 22 -6.30 46.28 21.55
N ARG A 23 -5.37 47.24 21.53
CA ARG A 23 -5.47 48.37 20.59
C ARG A 23 -5.57 47.97 19.11
N VAL A 24 -4.98 46.82 18.74
CA VAL A 24 -4.93 46.44 17.31
C VAL A 24 -6.31 46.10 16.73
N LEU A 25 -7.30 45.97 17.62
CA LEU A 25 -8.69 45.74 17.24
C LEU A 25 -9.55 47.02 17.25
N GLY A 26 -8.88 48.18 17.36
CA GLY A 26 -9.57 49.46 17.48
C GLY A 26 -10.59 49.74 16.37
N LYS A 27 -10.35 49.20 15.18
CA LYS A 27 -11.21 49.45 14.03
C LYS A 27 -12.43 48.50 13.96
N ILE A 28 -12.55 47.52 14.87
CA ILE A 28 -13.71 46.62 14.72
C ILE A 28 -15.00 47.31 15.11
N THR A 29 -16.10 46.88 14.48
CA THR A 29 -17.42 47.34 14.82
C THR A 29 -18.25 46.14 15.28
N LEU A 30 -19.12 46.37 16.25
CA LEU A 30 -19.99 45.32 16.73
C LEU A 30 -21.33 45.35 16.00
N VAL A 31 -21.75 44.20 15.45
CA VAL A 31 -23.06 44.09 14.82
C VAL A 31 -24.13 43.65 15.84
N SER A 32 -23.87 42.54 16.53
CA SER A 32 -24.80 42.05 17.53
C SER A 32 -24.09 41.19 18.57
N ALA A 33 -24.55 41.30 19.81
CA ALA A 33 -24.19 40.37 20.88
C ALA A 33 -25.48 39.68 21.35
N ALA A 34 -25.41 38.36 21.46
CA ALA A 34 -26.53 37.56 21.94
C ALA A 34 -25.96 36.43 22.81
N PRO A 35 -26.81 35.73 23.57
CA PRO A 35 -26.26 34.66 24.41
C PRO A 35 -25.37 33.70 23.58
N GLY A 36 -24.10 33.68 23.94
CA GLY A 36 -23.15 32.76 23.32
C GLY A 36 -22.82 33.03 21.87
N LYS A 37 -23.16 34.20 21.32
CA LYS A 37 -22.87 34.48 19.91
C LYS A 37 -22.60 35.98 19.67
N VAL A 38 -21.48 36.30 19.02
CA VAL A 38 -21.10 37.69 18.80
C VAL A 38 -20.72 37.84 17.34
N ILE A 39 -21.21 38.91 16.71
CA ILE A 39 -20.87 39.22 15.33
C ILE A 39 -20.28 40.63 15.27
N CYS A 40 -19.06 40.69 14.76
CA CYS A 40 -18.32 41.93 14.53
C CYS A 40 -17.96 42.05 13.04
N GLU A 41 -17.56 43.26 12.64
CA GLU A 41 -17.11 43.52 11.28
C GLU A 41 -15.87 44.42 11.34
N MET A 42 -15.10 44.42 10.26
CA MET A 42 -13.89 45.20 10.15
C MET A 42 -13.55 45.41 8.69
N LYS A 43 -13.12 46.62 8.35
CA LYS A 43 -12.60 46.88 7.04
C LYS A 43 -11.09 46.71 7.14
N VAL A 44 -10.52 45.91 6.23
CA VAL A 44 -9.06 45.66 6.24
C VAL A 44 -8.34 46.92 5.72
N GLU A 45 -7.53 47.53 6.57
CA GLU A 45 -6.72 48.69 6.19
C GLU A 45 -5.23 48.34 6.26
N GLU A 46 -4.37 49.27 5.86
CA GLU A 46 -2.92 49.01 5.88
C GLU A 46 -2.44 48.45 7.22
N GLU A 47 -2.88 49.04 8.33
CA GLU A 47 -2.42 48.62 9.67
C GLU A 47 -2.74 47.13 9.97
N HIS A 48 -3.62 46.55 9.16
CA HIS A 48 -4.11 45.17 9.40
C HIS A 48 -3.38 44.16 8.53
N THR A 49 -2.49 44.63 7.66
CA THR A 49 -1.97 43.78 6.59
C THR A 49 -0.57 43.22 6.87
N ASN A 50 -0.21 42.20 6.10
CA ASN A 50 1.13 41.67 6.06
C ASN A 50 1.88 42.35 4.92
N ALA A 51 3.05 41.79 4.60
CA ALA A 51 3.97 42.35 3.60
C ALA A 51 3.48 42.18 2.17
N ILE A 52 2.44 41.37 1.98
CA ILE A 52 1.79 41.22 0.69
C ILE A 52 0.40 41.86 0.58
N GLY A 53 0.03 42.70 1.54
CA GLY A 53 -1.18 43.48 1.39
C GLY A 53 -2.47 42.72 1.66
N THR A 54 -2.36 41.58 2.34
CA THR A 54 -3.55 40.87 2.79
C THR A 54 -3.63 40.88 4.31
N LEU A 55 -4.81 40.53 4.84
CA LEU A 55 -5.01 40.47 6.27
C LEU A 55 -3.95 39.56 6.93
N HIS A 56 -3.27 40.09 7.94
CA HIS A 56 -2.14 39.38 8.54
C HIS A 56 -2.69 38.19 9.32
N GLY A 57 -2.13 37.00 9.05
CA GLY A 57 -2.53 35.75 9.78
C GLY A 57 -2.55 35.87 11.32
N GLY A 58 -1.64 36.65 11.89
CA GLY A 58 -1.64 36.87 13.36
C GLY A 58 -2.76 37.77 13.84
N LEU A 59 -3.20 38.68 12.97
CA LEU A 59 -4.36 39.49 13.30
C LEU A 59 -5.65 38.64 13.18
N THR A 60 -5.70 37.77 12.19
CA THR A 60 -6.80 36.79 12.11
C THR A 60 -6.87 35.99 13.42
N ALA A 61 -5.71 35.53 13.91
CA ALA A 61 -5.68 34.76 15.17
C ALA A 61 -6.16 35.64 16.33
N THR A 62 -5.75 36.91 16.32
CA THR A 62 -6.13 37.84 17.37
C THR A 62 -7.64 38.08 17.37
N LEU A 63 -8.19 38.26 16.18
CA LEU A 63 -9.66 38.35 16.02
C LEU A 63 -10.39 37.11 16.56
N VAL A 64 -9.90 35.93 16.21
CA VAL A 64 -10.46 34.66 16.73
C VAL A 64 -10.44 34.67 18.26
N ASP A 65 -9.26 34.92 18.81
CA ASP A 65 -9.11 34.93 20.27
CA ASP A 65 -9.05 34.98 20.26
C ASP A 65 -10.05 35.93 20.95
N ASN A 66 -10.02 37.19 20.51
CA ASN A 66 -10.83 38.20 21.19
C ASN A 66 -12.33 38.02 21.00
N ILE A 67 -12.74 37.74 19.77
CA ILE A 67 -14.19 37.73 19.48
C ILE A 67 -14.86 36.50 20.15
N SER A 68 -14.14 35.37 20.18
CA SER A 68 -14.63 34.21 20.93
C SER A 68 -14.72 34.52 22.42
N THR A 69 -13.73 35.26 22.94
CA THR A 69 -13.74 35.64 24.35
C THR A 69 -14.99 36.51 24.65
N MET A 70 -15.33 37.38 23.71
CA MET A 70 -16.55 38.24 23.86
C MET A 70 -17.81 37.40 23.90
N ALA A 71 -17.85 36.35 23.07
CA ALA A 71 -19.01 35.43 23.06
C ALA A 71 -19.14 34.74 24.42
N LEU A 72 -18.01 34.38 25.03
CA LEU A 72 -18.03 33.83 26.39
C LEU A 72 -18.52 34.80 27.46
N LEU A 73 -18.22 36.09 27.31
CA LEU A 73 -18.70 37.10 28.26
C LEU A 73 -20.21 37.24 28.22
N CYS A 74 -20.79 37.02 27.03
CA CYS A 74 -22.23 37.02 26.79
C CYS A 74 -22.89 35.67 27.13
N THR A 75 -22.52 35.10 28.26
CA THR A 75 -23.15 33.89 28.76
C THR A 75 -23.48 34.10 30.24
N GLU A 76 -24.30 33.23 30.80
CA GLU A 76 -24.60 33.31 32.24
C GLU A 76 -23.34 33.16 33.09
N ARG A 77 -22.49 32.20 32.74
CA ARG A 77 -21.20 31.99 33.43
C ARG A 77 -20.40 33.28 33.35
N GLY A 78 -20.31 33.80 32.12
CA GLY A 78 -19.72 35.12 31.87
C GLY A 78 -18.22 35.21 32.16
N ALA A 79 -17.55 34.07 32.26
CA ALA A 79 -16.11 34.06 32.53
C ALA A 79 -15.32 34.21 31.20
N PRO A 80 -14.37 35.17 31.14
CA PRO A 80 -13.60 35.19 29.88
C PRO A 80 -12.56 34.07 29.73
N GLY A 81 -12.07 33.53 30.83
CA GLY A 81 -11.09 32.42 30.77
C GLY A 81 -9.73 32.82 30.20
N VAL A 82 -8.84 31.83 30.13
CA VAL A 82 -7.52 31.99 29.52
C VAL A 82 -7.33 30.92 28.44
N SER A 83 -6.61 31.27 27.38
CA SER A 83 -6.50 30.35 26.25
C SER A 83 -5.73 29.10 26.63
N VAL A 84 -6.22 27.94 26.15
CA VAL A 84 -5.52 26.66 26.30
C VAL A 84 -5.07 26.17 24.92
N ASP A 85 -6.00 26.06 23.97
CA ASP A 85 -5.66 25.57 22.62
C ASP A 85 -6.40 26.42 21.61
N MET A 86 -5.72 26.88 20.56
N MET A 86 -5.71 26.75 20.53
CA MET A 86 -6.41 27.57 19.46
CA MET A 86 -6.31 27.52 19.48
C MET A 86 -5.84 27.11 18.14
C MET A 86 -5.84 26.93 18.16
N ASN A 87 -6.73 26.89 17.17
CA ASN A 87 -6.29 26.52 15.83
C ASN A 87 -7.03 27.38 14.85
N ILE A 88 -6.38 27.60 13.71
CA ILE A 88 -6.97 28.43 12.65
C ILE A 88 -6.61 27.79 11.32
N THR A 89 -7.58 27.80 10.41
CA THR A 89 -7.37 27.32 9.06
C THR A 89 -7.70 28.49 8.14
N TYR A 90 -6.79 28.76 7.18
CA TYR A 90 -6.86 29.92 6.31
C TYR A 90 -7.23 29.45 4.92
N MET A 91 -8.45 29.83 4.48
CA MET A 91 -9.02 29.33 3.23
CA MET A 91 -8.96 29.32 3.22
C MET A 91 -8.89 30.28 2.04
N SER A 92 -8.99 31.57 2.32
CA SER A 92 -8.90 32.59 1.27
C SER A 92 -8.37 33.89 1.86
N PRO A 93 -7.62 34.66 1.05
CA PRO A 93 -7.12 35.94 1.55
C PRO A 93 -8.18 37.00 1.69
N ALA A 94 -8.07 37.82 2.74
CA ALA A 94 -8.84 39.07 2.85
C ALA A 94 -7.93 40.21 2.41
N LYS A 95 -8.32 40.88 1.33
CA LYS A 95 -7.51 41.93 0.72
C LYS A 95 -7.70 43.30 1.34
N LEU A 96 -6.65 44.13 1.23
CA LEU A 96 -6.77 45.55 1.57
C LEU A 96 -8.09 46.15 1.03
N GLY A 97 -8.84 46.83 1.90
CA GLY A 97 -10.09 47.48 1.52
C GLY A 97 -11.37 46.65 1.63
N GLU A 98 -11.23 45.33 1.83
CA GLU A 98 -12.36 44.41 2.03
C GLU A 98 -13.03 44.51 3.39
N ASP A 99 -14.36 44.38 3.43
CA ASP A 99 -15.08 44.28 4.68
C ASP A 99 -15.19 42.80 5.05
N ILE A 100 -14.86 42.50 6.31
CA ILE A 100 -14.98 41.14 6.83
C ILE A 100 -15.97 41.07 7.97
N VAL A 101 -16.55 39.89 8.16
CA VAL A 101 -17.46 39.64 9.29
C VAL A 101 -16.79 38.56 10.12
N ILE A 102 -16.74 38.77 11.42
CA ILE A 102 -16.19 37.78 12.33
C ILE A 102 -17.36 37.32 13.22
N THR A 103 -17.70 36.04 13.10
CA THR A 103 -18.79 35.45 13.82
C THR A 103 -18.28 34.38 14.79
N ALA A 104 -18.47 34.62 16.09
CA ALA A 104 -17.97 33.75 17.13
C ALA A 104 -19.15 33.16 17.86
N HIS A 105 -19.10 31.85 18.14
CA HIS A 105 -20.13 31.26 18.97
C HIS A 105 -19.58 30.24 19.98
N VAL A 106 -20.28 30.09 21.09
CA VAL A 106 -19.86 29.19 22.17
C VAL A 106 -20.45 27.82 21.82
N LEU A 107 -19.56 26.84 21.77
CA LEU A 107 -19.94 25.48 21.40
C LEU A 107 -20.43 24.72 22.60
N LYS A 108 -19.76 24.93 23.73
CA LYS A 108 -20.06 24.19 24.97
C LYS A 108 -19.27 24.83 26.08
N GLN A 109 -19.86 24.89 27.27
CA GLN A 109 -19.03 25.19 28.41
C GLN A 109 -19.36 24.34 29.63
N GLY A 110 -18.34 24.16 30.45
CA GLY A 110 -18.48 23.31 31.62
C GLY A 110 -17.92 24.01 32.85
N LYS A 111 -17.54 23.20 33.84
CA LYS A 111 -16.98 23.76 35.06
C LYS A 111 -15.66 24.48 34.86
N THR A 112 -14.75 23.90 34.06
CA THR A 112 -13.43 24.50 33.94
C THR A 112 -13.07 24.81 32.51
N LEU A 113 -13.77 24.21 31.54
CA LEU A 113 -13.40 24.48 30.12
C LEU A 113 -14.55 25.04 29.29
N ALA A 114 -14.20 25.92 28.34
CA ALA A 114 -15.16 26.42 27.39
C ALA A 114 -14.60 26.27 25.97
N PHE A 115 -15.50 26.00 25.04
CA PHE A 115 -15.11 25.69 23.63
C PHE A 115 -15.87 26.66 22.74
N THR A 116 -15.16 27.28 21.81
CA THR A 116 -15.75 28.29 20.94
C THR A 116 -15.28 28.09 19.50
N SER A 117 -16.06 28.55 18.53
CA SER A 117 -15.66 28.49 17.13
C SER A 117 -15.89 29.86 16.49
N VAL A 118 -15.04 30.21 15.53
CA VAL A 118 -15.13 31.52 14.88
C VAL A 118 -14.95 31.36 13.34
N ASP A 119 -15.83 31.99 12.56
CA ASP A 119 -15.68 32.05 11.11
C ASP A 119 -15.43 33.50 10.75
N LEU A 120 -14.45 33.71 9.88
CA LEU A 120 -14.23 35.01 9.26
C LEU A 120 -14.71 34.88 7.84
N THR A 121 -15.56 35.82 7.41
CA THR A 121 -16.11 35.74 6.07
C THR A 121 -15.99 37.10 5.37
N ASN A 122 -15.94 37.06 4.06
CA ASN A 122 -16.09 38.28 3.26
C ASN A 122 -17.54 38.81 3.40
N LYS A 123 -17.71 40.08 3.80
CA LYS A 123 -19.05 40.59 4.07
C LYS A 123 -19.91 40.58 2.80
N ALA A 124 -19.31 41.04 1.69
CA ALA A 124 -20.04 41.18 0.43
C ALA A 124 -20.44 39.85 -0.17
N THR A 125 -19.49 38.91 -0.19
CA THR A 125 -19.65 37.65 -0.92
C THR A 125 -20.04 36.47 -0.02
N GLY A 126 -19.86 36.62 1.29
CA GLY A 126 -20.14 35.53 2.23
C GLY A 126 -19.08 34.43 2.32
N LYS A 127 -18.08 34.48 1.45
CA LYS A 127 -17.15 33.34 1.37
C LYS A 127 -16.14 33.29 2.52
N LEU A 128 -15.79 32.06 2.90
CA LEU A 128 -14.98 31.84 4.10
C LEU A 128 -13.55 32.33 3.91
N ILE A 129 -13.11 33.17 4.84
CA ILE A 129 -11.70 33.61 4.91
C ILE A 129 -10.87 32.63 5.78
N ALA A 130 -11.38 32.36 6.98
CA ALA A 130 -10.66 31.50 7.93
C ALA A 130 -11.67 30.93 8.91
N GLN A 131 -11.32 29.83 9.54
CA GLN A 131 -12.15 29.29 10.61
C GLN A 131 -11.21 28.90 11.73
N GLY A 132 -11.58 29.23 12.96
CA GLY A 132 -10.76 28.84 14.11
C GLY A 132 -11.60 28.21 15.20
N ARG A 133 -10.93 27.43 16.06
CA ARG A 133 -11.56 26.94 17.27
C ARG A 133 -10.66 27.32 18.43
N HIS A 134 -11.26 27.53 19.60
CA HIS A 134 -10.55 28.13 20.71
C HIS A 134 -11.10 27.52 22.00
N THR A 135 -10.22 26.84 22.74
CA THR A 135 -10.56 26.24 24.04
C THR A 135 -9.94 27.09 25.11
N LYS A 136 -10.74 27.47 26.13
CA LYS A 136 -10.24 28.32 27.20
C LYS A 136 -10.50 27.67 28.57
N HIS A 137 -9.64 27.93 29.55
CA HIS A 137 -9.82 27.42 30.89
C HIS A 137 -10.47 28.50 31.73
N LEU A 138 -11.51 28.15 32.46
CA LEU A 138 -12.33 29.16 33.16
C LEU A 138 -11.96 29.36 34.61
N GLY A 139 -11.52 28.27 35.24
CA GLY A 139 -11.24 28.20 36.69
C GLY A 139 -12.12 27.18 37.39
N MET B 4 23.08 35.47 6.16
CA MET B 4 21.73 34.99 6.59
C MET B 4 21.28 35.76 7.84
N THR B 5 22.11 35.73 8.88
CA THR B 5 21.88 36.47 10.10
C THR B 5 21.73 37.97 9.85
N GLN B 6 22.60 38.53 8.99
CA GLN B 6 22.59 39.96 8.70
C GLN B 6 21.33 40.36 7.94
N SER B 7 20.94 39.54 6.97
CA SER B 7 19.69 39.76 6.23
C SER B 7 18.49 39.75 7.18
N LEU B 8 18.38 38.71 8.00
CA LEU B 8 17.27 38.62 8.93
C LEU B 8 17.23 39.79 9.91
N ARG B 9 18.40 40.24 10.34
CA ARG B 9 18.49 41.38 11.23
CA ARG B 9 18.47 41.41 11.28
C ARG B 9 17.87 42.63 10.60
N GLU B 10 18.09 42.77 9.32
CA GLU B 10 17.56 43.90 8.56
C GLU B 10 16.05 43.79 8.38
N VAL B 11 15.58 42.57 8.10
CA VAL B 11 14.14 42.29 8.05
C VAL B 11 13.45 42.76 9.34
N ILE B 12 14.03 42.40 10.48
CA ILE B 12 13.50 42.79 11.79
C ILE B 12 13.48 44.32 11.99
N LYS B 13 14.54 45.00 11.55
CA LYS B 13 14.57 46.47 11.56
C LYS B 13 13.45 47.07 10.72
N ALA B 14 13.22 46.50 9.55
CA ALA B 14 12.14 46.91 8.63
C ALA B 14 10.75 46.70 9.24
N MET B 15 10.51 45.54 9.85
CA MET B 15 9.20 45.32 10.46
C MET B 15 8.92 46.29 11.61
N THR B 16 9.95 46.63 12.37
CA THR B 16 9.85 47.62 13.44
C THR B 16 9.26 48.96 12.98
N LYS B 17 9.73 49.43 11.81
CA LYS B 17 9.32 50.72 11.26
C LYS B 17 8.06 50.65 10.40
N ALA B 18 7.49 49.45 10.21
CA ALA B 18 6.36 49.27 9.29
C ALA B 18 5.07 49.95 9.77
N ARG B 19 4.18 50.29 8.84
CA ARG B 19 2.87 50.83 9.18
C ARG B 19 1.87 49.66 9.26
N ASN B 20 2.22 48.58 8.57
CA ASN B 20 1.38 47.37 8.55
C ASN B 20 1.48 46.54 9.84
N PHE B 21 0.86 45.36 9.85
CA PHE B 21 0.73 44.61 11.10
C PHE B 21 2.08 44.06 11.54
N GLU B 22 3.05 44.00 10.63
CA GLU B 22 4.41 43.50 10.96
C GLU B 22 5.08 44.34 12.06
N ARG B 23 4.53 45.52 12.31
CA ARG B 23 5.03 46.46 13.32
C ARG B 23 4.88 45.95 14.77
N VAL B 24 3.96 45.00 15.00
CA VAL B 24 3.54 44.71 16.37
C VAL B 24 4.61 43.91 17.11
N LEU B 25 5.48 43.32 16.29
CA LEU B 25 6.80 42.92 16.70
C LEU B 25 7.66 44.02 16.06
N GLY B 26 8.12 44.91 16.91
CA GLY B 26 9.23 45.77 16.53
C GLY B 26 10.28 45.46 17.57
N LYS B 27 9.82 45.08 18.75
CA LYS B 27 10.66 44.96 19.94
C LYS B 27 11.50 43.68 20.06
N ILE B 28 11.69 42.91 18.98
CA ILE B 28 12.41 41.61 19.09
C ILE B 28 13.91 41.63 18.69
N THR B 29 14.69 40.71 19.26
CA THR B 29 16.13 40.57 19.03
C THR B 29 16.44 39.24 18.33
N LEU B 30 17.21 39.25 17.25
CA LEU B 30 17.63 37.99 16.62
C LEU B 30 18.83 37.43 17.35
N VAL B 31 18.70 36.20 17.85
CA VAL B 31 19.80 35.53 18.57
C VAL B 31 20.61 34.59 17.64
N SER B 32 19.92 33.88 16.76
CA SER B 32 20.52 32.92 15.86
C SER B 32 19.67 32.73 14.62
N ALA B 33 20.33 32.67 13.47
CA ALA B 33 19.70 32.28 12.26
C ALA B 33 20.60 31.19 11.68
N ALA B 34 19.99 30.06 11.36
CA ALA B 34 20.73 28.96 10.76
C ALA B 34 19.78 28.33 9.77
N PRO B 35 20.28 27.43 8.89
CA PRO B 35 19.41 26.73 7.94
C PRO B 35 18.16 26.17 8.65
N GLY B 36 17.01 26.78 8.35
CA GLY B 36 15.73 26.28 8.80
C GLY B 36 15.48 26.44 10.28
N LYS B 37 16.27 27.28 10.96
CA LYS B 37 16.08 27.45 12.40
C LYS B 37 16.40 28.86 12.80
N VAL B 38 15.47 29.49 13.50
CA VAL B 38 15.67 30.86 13.96
C VAL B 38 15.33 30.96 15.43
N ILE B 39 16.16 31.70 16.17
CA ILE B 39 15.91 31.98 17.57
C ILE B 39 15.87 33.48 17.80
N CYS B 40 14.77 33.96 18.35
CA CYS B 40 14.63 35.37 18.70
C CYS B 40 14.34 35.50 20.18
N GLU B 41 14.47 36.69 20.72
CA GLU B 41 13.96 36.92 22.06
C GLU B 41 13.26 38.27 22.16
N MET B 42 12.36 38.40 23.13
CA MET B 42 11.56 39.60 23.31
C MET B 42 11.27 39.83 24.79
N LYS B 43 11.35 41.08 25.23
CA LYS B 43 10.89 41.44 26.53
C LYS B 43 9.43 41.80 26.38
N VAL B 44 8.58 41.25 27.24
CA VAL B 44 7.16 41.57 27.21
C VAL B 44 6.98 43.01 27.69
N GLU B 45 6.50 43.88 26.81
CA GLU B 45 6.20 45.27 27.17
C GLU B 45 4.68 45.46 27.20
N GLU B 46 4.24 46.64 27.65
CA GLU B 46 2.80 46.95 27.67
C GLU B 46 2.10 46.67 26.35
N GLU B 47 2.73 47.05 25.22
CA GLU B 47 2.15 46.91 23.87
C GLU B 47 1.82 45.47 23.48
N HIS B 48 2.35 44.53 24.26
CA HIS B 48 2.26 43.09 23.96
C HIS B 48 1.22 42.41 24.82
N THR B 49 0.65 43.16 25.76
CA THR B 49 -0.21 42.54 26.77
C THR B 49 -1.70 42.59 26.47
N ASN B 50 -2.45 41.73 27.15
CA ASN B 50 -3.92 41.77 27.11
C ASN B 50 -4.42 42.76 28.17
N ALA B 51 -5.74 42.77 28.39
CA ALA B 51 -6.37 43.76 29.26
C ALA B 51 -5.89 43.63 30.70
N ILE B 52 -5.39 42.44 31.06
CA ILE B 52 -4.97 42.13 32.44
C ILE B 52 -3.44 42.05 32.62
N GLY B 53 -2.71 42.48 31.60
CA GLY B 53 -1.27 42.63 31.69
C GLY B 53 -0.40 41.40 31.49
N THR B 54 -0.97 40.34 30.92
CA THR B 54 -0.12 39.18 30.52
C THR B 54 0.00 39.15 28.99
N LEU B 55 0.96 38.38 28.48
CA LEU B 55 1.23 38.36 27.05
C LEU B 55 -0.04 37.95 26.31
N HIS B 56 -0.45 38.78 25.35
CA HIS B 56 -1.69 38.54 24.63
C HIS B 56 -1.56 37.30 23.73
N GLY B 57 -2.56 36.41 23.79
CA GLY B 57 -2.53 35.15 22.98
C GLY B 57 -2.41 35.41 21.49
N GLY B 58 -2.95 36.53 21.02
CA GLY B 58 -2.85 36.87 19.58
C GLY B 58 -1.47 37.34 19.19
N LEU B 59 -0.78 37.98 20.14
CA LEU B 59 0.63 38.32 19.94
C LEU B 59 1.51 37.06 19.94
N THR B 60 1.25 36.12 20.84
CA THR B 60 1.92 34.82 20.75
C THR B 60 1.69 34.17 19.38
N ALA B 61 0.44 34.19 18.92
CA ALA B 61 0.11 33.70 17.57
C ALA B 61 0.91 34.40 16.48
N THR B 62 0.99 35.73 16.57
CA THR B 62 1.79 36.54 15.65
C THR B 62 3.31 36.17 15.68
N LEU B 63 3.83 35.95 16.88
CA LEU B 63 5.22 35.46 17.01
C LEU B 63 5.40 34.08 16.34
N VAL B 64 4.49 33.16 16.61
CA VAL B 64 4.56 31.85 15.95
C VAL B 64 4.60 32.02 14.44
N ASP B 65 3.66 32.81 13.91
CA ASP B 65 3.53 33.01 12.47
C ASP B 65 4.78 33.66 11.86
N ASN B 66 5.21 34.78 12.43
CA ASN B 66 6.34 35.53 11.89
C ASN B 66 7.68 34.77 12.04
N ILE B 67 7.94 34.23 13.22
CA ILE B 67 9.28 33.61 13.44
C ILE B 67 9.40 32.29 12.67
N SER B 68 8.31 31.52 12.58
CA SER B 68 8.36 30.36 11.69
C SER B 68 8.60 30.77 10.24
N THR B 69 7.97 31.87 9.80
CA THR B 69 8.18 32.37 8.43
C THR B 69 9.67 32.77 8.22
N MET B 70 10.27 33.37 9.25
CA MET B 70 11.70 33.70 9.21
C MET B 70 12.52 32.43 9.02
N ALA B 71 12.17 31.36 9.75
CA ALA B 71 12.90 30.08 9.55
C ALA B 71 12.83 29.60 8.10
N LEU B 72 11.66 29.76 7.48
CA LEU B 72 11.50 29.43 6.07
C LEU B 72 12.35 30.31 5.15
N LEU B 73 12.46 31.59 5.49
CA LEU B 73 13.37 32.48 4.74
C LEU B 73 14.82 31.95 4.78
N CYS B 74 15.17 31.30 5.90
CA CYS B 74 16.53 30.76 6.10
C CYS B 74 16.68 29.34 5.56
N THR B 75 16.09 29.08 4.40
CA THR B 75 16.25 27.79 3.73
C THR B 75 16.77 28.11 2.32
N GLU B 76 17.26 27.08 1.62
CA GLU B 76 17.70 27.18 0.24
C GLU B 76 16.64 27.88 -0.61
N ARG B 77 15.42 27.31 -0.63
CA ARG B 77 14.33 27.87 -1.41
C ARG B 77 14.02 29.30 -0.98
N GLY B 78 14.02 29.51 0.34
CA GLY B 78 13.83 30.84 0.91
C GLY B 78 12.47 31.47 0.67
N ALA B 79 11.46 30.66 0.32
CA ALA B 79 10.09 31.19 0.14
C ALA B 79 9.30 31.26 1.46
N PRO B 80 8.70 32.42 1.75
CA PRO B 80 7.96 32.56 3.01
C PRO B 80 6.63 31.81 3.02
N GLY B 81 6.05 31.59 1.83
CA GLY B 81 4.70 30.95 1.70
C GLY B 81 3.54 31.76 2.23
N VAL B 82 2.36 31.14 2.23
CA VAL B 82 1.19 31.72 2.90
C VAL B 82 0.58 30.69 3.88
N SER B 83 0.08 31.18 5.00
CA SER B 83 -0.42 30.29 6.05
C SER B 83 -1.60 29.45 5.57
N VAL B 84 -1.61 28.17 5.94
CA VAL B 84 -2.71 27.28 5.62
C VAL B 84 -3.36 26.85 6.93
N ASP B 85 -2.54 26.33 7.85
CA ASP B 85 -3.09 25.84 9.14
C ASP B 85 -2.14 26.32 10.23
N MET B 86 -2.66 26.81 11.36
CA MET B 86 -1.77 27.06 12.49
C MET B 86 -2.45 26.59 13.75
N ASN B 87 -1.68 25.98 14.65
CA ASN B 87 -2.25 25.71 15.98
C ASN B 87 -1.30 26.18 17.05
N ILE B 88 -1.84 26.49 18.23
CA ILE B 88 -1.02 26.96 19.35
C ILE B 88 -1.61 26.39 20.61
N THR B 89 -0.73 25.87 21.47
CA THR B 89 -1.08 25.36 22.79
C THR B 89 -0.42 26.27 23.83
N TYR B 90 -1.22 26.77 24.76
CA TYR B 90 -0.76 27.79 25.75
C TYR B 90 -0.60 27.09 27.09
N MET B 91 0.63 27.09 27.61
CA MET B 91 0.96 26.30 28.80
C MET B 91 1.22 27.09 30.08
N SER B 92 1.75 28.30 29.95
CA SER B 92 2.06 29.10 31.12
C SER B 92 1.97 30.56 30.71
N PRO B 93 1.57 31.47 31.63
CA PRO B 93 1.49 32.88 31.23
C PRO B 93 2.86 33.53 31.19
N ALA B 94 2.99 34.57 30.39
CA ALA B 94 4.18 35.43 30.43
C ALA B 94 3.75 36.82 30.89
N LYS B 95 4.36 37.29 31.96
CA LYS B 95 3.96 38.57 32.54
C LYS B 95 4.76 39.74 31.97
N LEU B 96 4.19 40.93 32.11
CA LEU B 96 4.87 42.16 31.76
C LEU B 96 6.26 42.14 32.35
N GLY B 97 7.25 42.46 31.53
CA GLY B 97 8.64 42.54 31.96
C GLY B 97 9.44 41.26 31.77
N GLU B 98 8.76 40.13 31.58
CA GLU B 98 9.49 38.88 31.41
C GLU B 98 10.14 38.81 30.06
N ASP B 99 11.27 38.11 30.00
CA ASP B 99 11.96 37.88 28.75
C ASP B 99 11.62 36.49 28.20
N ILE B 100 11.27 36.46 26.92
CA ILE B 100 10.86 35.22 26.26
C ILE B 100 11.81 34.86 25.13
N VAL B 101 12.04 33.57 24.92
CA VAL B 101 12.85 33.07 23.81
C VAL B 101 11.90 32.35 22.85
N ILE B 102 11.95 32.74 21.58
CA ILE B 102 11.12 32.11 20.55
C ILE B 102 12.01 31.32 19.59
N THR B 103 11.80 30.02 19.53
CA THR B 103 12.59 29.16 18.68
C THR B 103 11.72 28.52 17.61
N ALA B 104 12.03 28.81 16.34
CA ALA B 104 11.29 28.24 15.21
C ALA B 104 12.15 27.30 14.43
N HIS B 105 11.59 26.15 14.05
CA HIS B 105 12.31 25.28 13.15
CA HIS B 105 12.26 25.04 13.33
C HIS B 105 11.45 24.63 12.08
N VAL B 106 12.09 24.43 10.93
CA VAL B 106 11.43 23.83 9.79
C VAL B 106 11.44 22.33 9.97
N LEU B 107 10.26 21.73 10.00
CA LEU B 107 10.15 20.28 10.14
C LEU B 107 10.33 19.52 8.83
N LYS B 108 9.80 20.08 7.75
CA LYS B 108 9.78 19.44 6.44
C LYS B 108 9.45 20.52 5.43
N GLN B 109 10.12 20.47 4.28
CA GLN B 109 9.85 21.33 3.14
C GLN B 109 9.58 20.49 1.90
N GLY B 110 8.57 20.86 1.10
CA GLY B 110 8.32 20.18 -0.17
C GLY B 110 8.03 21.13 -1.30
N LYS B 111 7.52 20.61 -2.41
CA LYS B 111 7.20 21.45 -3.57
C LYS B 111 6.19 22.55 -3.28
N THR B 112 5.14 22.21 -2.50
CA THR B 112 4.04 23.16 -2.30
C THR B 112 3.74 23.42 -0.82
N LEU B 113 4.28 22.57 0.05
CA LEU B 113 3.96 22.70 1.48
C LEU B 113 5.19 22.70 2.38
N ALA B 114 5.14 23.52 3.42
CA ALA B 114 6.23 23.53 4.41
C ALA B 114 5.61 23.49 5.79
N PHE B 115 6.28 22.77 6.69
CA PHE B 115 5.77 22.52 8.02
C PHE B 115 6.78 23.07 9.01
N THR B 116 6.31 23.83 9.99
CA THR B 116 7.23 24.42 10.97
C THR B 116 6.68 24.27 12.37
N SER B 117 7.56 24.38 13.37
CA SER B 117 7.14 24.33 14.78
CA SER B 117 7.16 24.31 14.79
C SER B 117 7.85 25.43 15.53
N VAL B 118 7.20 25.96 16.57
CA VAL B 118 7.72 27.09 17.33
C VAL B 118 7.51 26.87 18.83
N ASP B 119 8.57 27.06 19.62
CA ASP B 119 8.46 27.09 21.08
C ASP B 119 8.69 28.50 21.60
N LEU B 120 7.89 28.91 22.58
CA LEU B 120 8.09 30.18 23.32
C LEU B 120 8.42 29.74 24.73
N THR B 121 9.55 30.21 25.27
CA THR B 121 9.97 29.78 26.62
CA THR B 121 10.04 29.75 26.56
C THR B 121 10.32 30.98 27.46
N ASN B 122 10.10 30.87 28.78
CA ASN B 122 10.50 31.93 29.68
C ASN B 122 12.02 31.83 29.82
N LYS B 123 12.75 32.89 29.52
CA LYS B 123 14.21 32.82 29.56
C LYS B 123 14.76 32.55 30.97
N ALA B 124 14.09 33.13 31.97
CA ALA B 124 14.51 33.02 33.36
C ALA B 124 14.40 31.59 33.89
N THR B 125 13.31 30.92 33.53
CA THR B 125 12.95 29.64 34.14
C THR B 125 13.06 28.47 33.16
N GLY B 126 13.17 28.78 31.87
CA GLY B 126 13.24 27.74 30.83
C GLY B 126 11.90 27.04 30.58
N LYS B 127 10.84 27.47 31.26
CA LYS B 127 9.54 26.79 31.14
C LYS B 127 8.85 27.21 29.84
N LEU B 128 8.21 26.26 29.17
CA LEU B 128 7.41 26.54 27.97
C LEU B 128 6.22 27.47 28.28
N ILE B 129 6.13 28.56 27.54
CA ILE B 129 4.95 29.44 27.55
C ILE B 129 3.91 28.87 26.57
N ALA B 130 4.37 28.55 25.38
CA ALA B 130 3.49 28.04 24.32
C ALA B 130 4.27 27.24 23.28
N GLN B 131 3.56 26.39 22.53
CA GLN B 131 4.10 25.71 21.38
C GLN B 131 3.09 25.80 20.27
N GLY B 132 3.59 26.05 19.07
CA GLY B 132 2.71 26.10 17.91
C GLY B 132 3.26 25.30 16.76
N ARG B 133 2.38 24.93 15.85
CA ARG B 133 2.80 24.35 14.59
C ARG B 133 2.13 25.13 13.45
N HIS B 134 2.79 25.22 12.28
CA HIS B 134 2.36 26.15 11.25
C HIS B 134 2.68 25.51 9.91
N THR B 135 1.65 25.30 9.10
CA THR B 135 1.79 24.73 7.74
C THR B 135 1.53 25.88 6.77
N LYS B 136 2.43 26.01 5.81
CA LYS B 136 2.36 27.08 4.84
C LYS B 136 2.40 26.50 3.43
N HIS B 137 1.73 27.19 2.51
CA HIS B 137 1.66 26.77 1.11
C HIS B 137 2.67 27.63 0.35
N LEU B 138 3.49 26.99 -0.46
CA LEU B 138 4.54 27.66 -1.25
C LEU B 138 4.11 27.78 -2.70
N GLY B 139 4.40 28.94 -3.29
CA GLY B 139 3.98 29.30 -4.65
C GLY B 139 4.76 28.56 -5.71
N SER C 3 9.17 -2.02 37.63
CA SER C 3 9.49 -0.98 36.59
C SER C 3 8.20 -0.42 36.01
N MET C 4 8.23 0.87 35.68
CA MET C 4 7.19 1.45 34.84
C MET C 4 7.27 0.78 33.46
N THR C 5 8.44 0.24 33.12
CA THR C 5 8.66 -0.52 31.91
C THR C 5 7.92 -1.86 31.98
N GLN C 6 8.10 -2.58 33.07
CA GLN C 6 7.35 -3.80 33.31
C GLN C 6 5.83 -3.55 33.27
N SER C 7 5.39 -2.43 33.86
CA SER C 7 3.98 -2.09 33.88
CA SER C 7 3.99 -2.03 33.89
C SER C 7 3.44 -1.69 32.51
N LEU C 8 4.20 -0.90 31.75
CA LEU C 8 3.77 -0.49 30.39
C LEU C 8 3.73 -1.68 29.45
N ARG C 9 4.62 -2.65 29.66
CA ARG C 9 4.53 -3.88 28.90
C ARG C 9 3.20 -4.62 29.16
N GLU C 10 2.74 -4.61 30.41
CA GLU C 10 1.47 -5.27 30.75
C GLU C 10 0.29 -4.55 30.13
N VAL C 11 0.34 -3.23 30.14
CA VAL C 11 -0.66 -2.39 29.45
C VAL C 11 -0.73 -2.76 27.95
N ILE C 12 0.43 -2.89 27.31
CA ILE C 12 0.46 -3.22 25.89
C ILE C 12 -0.12 -4.63 25.69
N LYS C 13 0.27 -5.58 26.54
CA LYS C 13 -0.30 -6.92 26.49
C LYS C 13 -1.83 -6.86 26.63
N ALA C 14 -2.33 -6.01 27.52
CA ALA C 14 -3.78 -5.86 27.74
C ALA C 14 -4.44 -5.32 26.47
N MET C 15 -3.81 -4.32 25.86
CA MET C 15 -4.33 -3.73 24.61
C MET C 15 -4.45 -4.79 23.51
N THR C 16 -3.44 -5.64 23.38
CA THR C 16 -3.42 -6.65 22.34
C THR C 16 -4.66 -7.54 22.37
N LYS C 17 -5.03 -8.01 23.56
CA LYS C 17 -6.16 -8.94 23.69
C LYS C 17 -7.54 -8.26 23.94
N ALA C 18 -7.55 -6.93 24.01
CA ALA C 18 -8.80 -6.16 24.17
C ALA C 18 -9.85 -6.47 23.09
N ARG C 19 -11.12 -6.35 23.46
CA ARG C 19 -12.21 -6.32 22.47
C ARG C 19 -12.51 -4.89 21.99
N ASN C 20 -12.15 -3.92 22.83
CA ASN C 20 -12.48 -2.54 22.53
C ASN C 20 -11.50 -1.91 21.57
N PHE C 21 -11.55 -0.58 21.42
CA PHE C 21 -10.72 0.04 20.37
C PHE C 21 -9.23 0.00 20.68
N GLU C 22 -8.86 -0.24 21.94
CA GLU C 22 -7.43 -0.31 22.31
C GLU C 22 -6.73 -1.45 21.54
N ARG C 23 -7.50 -2.41 21.05
CA ARG C 23 -6.94 -3.53 20.27
C ARG C 23 -6.17 -3.13 19.01
N VAL C 24 -6.44 -1.93 18.48
CA VAL C 24 -5.88 -1.57 17.17
C VAL C 24 -4.36 -1.33 17.24
N LEU C 25 -3.84 -1.15 18.46
CA LEU C 25 -2.39 -0.95 18.71
C LEU C 25 -1.73 -2.20 19.34
N GLY C 26 -2.34 -3.35 19.11
CA GLY C 26 -1.88 -4.59 19.75
C GLY C 26 -0.49 -4.99 19.27
N LYS C 27 -0.09 -4.48 18.12
CA LYS C 27 1.20 -4.82 17.52
C LYS C 27 2.39 -3.93 17.96
N ILE C 28 2.14 -2.86 18.72
CA ILE C 28 3.27 -1.99 19.14
C ILE C 28 4.21 -2.68 20.14
N THR C 29 5.47 -2.25 20.16
CA THR C 29 6.44 -2.72 21.15
C THR C 29 7.08 -1.56 21.90
N LEU C 30 7.37 -1.77 23.19
CA LEU C 30 7.94 -0.71 24.03
C LEU C 30 9.46 -0.66 23.88
N VAL C 31 10.00 0.53 23.59
CA VAL C 31 11.46 0.71 23.51
C VAL C 31 11.97 1.20 24.86
N SER C 32 11.32 2.23 25.40
CA SER C 32 11.76 2.79 26.68
C SER C 32 10.64 3.55 27.35
N ALA C 33 10.70 3.59 28.68
CA ALA C 33 9.82 4.43 29.46
C ALA C 33 10.71 5.20 30.43
N ALA C 34 10.45 6.50 30.53
CA ALA C 34 11.11 7.37 31.53
C ALA C 34 10.06 8.39 32.00
N PRO C 35 10.38 9.15 33.07
CA PRO C 35 9.39 10.12 33.55
C PRO C 35 8.97 11.07 32.40
N GLY C 36 7.69 11.02 32.08
CA GLY C 36 7.09 11.85 31.02
C GLY C 36 7.58 11.60 29.60
N LYS C 37 8.21 10.44 29.32
CA LYS C 37 8.71 10.15 27.97
C LYS C 37 8.60 8.66 27.68
N VAL C 38 7.93 8.34 26.58
CA VAL C 38 7.74 6.95 26.20
C VAL C 38 8.08 6.81 24.73
N ILE C 39 8.86 5.77 24.39
CA ILE C 39 9.15 5.45 23.01
C ILE C 39 8.61 4.06 22.73
N CYS C 40 7.80 3.93 21.68
CA CYS C 40 7.37 2.62 21.20
C CYS C 40 7.77 2.49 19.73
N GLU C 41 7.70 1.27 19.23
CA GLU C 41 7.95 1.03 17.82
C GLU C 41 6.82 0.18 17.26
N MET C 42 6.57 0.30 15.97
CA MET C 42 5.55 -0.51 15.31
C MET C 42 6.00 -0.75 13.88
N LYS C 43 5.75 -1.96 13.38
CA LYS C 43 5.90 -2.23 11.94
C LYS C 43 4.54 -2.02 11.30
N VAL C 44 4.49 -1.25 10.23
CA VAL C 44 3.24 -1.02 9.51
C VAL C 44 2.79 -2.30 8.79
N GLU C 45 1.65 -2.85 9.21
CA GLU C 45 1.10 -4.08 8.59
C GLU C 45 -0.23 -3.74 7.91
N GLU C 46 -0.82 -4.71 7.21
CA GLU C 46 -2.06 -4.45 6.46
C GLU C 46 -3.17 -3.84 7.32
N GLU C 47 -3.29 -4.34 8.55
CA GLU C 47 -4.36 -3.93 9.47
CA GLU C 47 -4.36 -3.93 9.48
C GLU C 47 -4.26 -2.45 9.86
N HIS C 48 -3.08 -1.85 9.62
CA HIS C 48 -2.79 -0.47 9.97
C HIS C 48 -2.98 0.49 8.81
N THR C 49 -3.25 -0.04 7.62
CA THR C 49 -3.23 0.81 6.41
C THR C 49 -4.61 1.31 5.94
N ASN C 50 -4.57 2.33 5.08
CA ASN C 50 -5.74 2.80 4.37
C ASN C 50 -5.82 2.03 3.03
N ALA C 51 -6.78 2.44 2.20
CA ALA C 51 -7.04 1.77 0.92
C ALA C 51 -5.93 1.97 -0.11
N ILE C 52 -4.95 2.82 0.18
CA ILE C 52 -3.84 3.01 -0.77
C ILE C 52 -2.53 2.43 -0.23
N GLY C 53 -2.62 1.67 0.86
CA GLY C 53 -1.47 0.99 1.44
C GLY C 53 -0.46 1.81 2.24
N THR C 54 -0.88 2.98 2.73
CA THR C 54 -0.03 3.73 3.68
C THR C 54 -0.70 3.73 5.04
N LEU C 55 0.06 4.14 6.06
CA LEU C 55 -0.44 4.17 7.43
C LEU C 55 -1.67 5.08 7.45
N HIS C 56 -2.77 4.54 7.97
CA HIS C 56 -4.03 5.29 8.03
C HIS C 56 -3.88 6.48 8.98
N GLY C 57 -4.32 7.66 8.55
CA GLY C 57 -4.24 8.87 9.38
C GLY C 57 -4.99 8.76 10.72
N GLY C 58 -6.05 7.95 10.75
CA GLY C 58 -6.77 7.69 12.01
C GLY C 58 -5.97 6.82 12.98
N LEU C 59 -5.21 5.87 12.44
CA LEU C 59 -4.29 5.09 13.26
C LEU C 59 -3.15 5.93 13.82
N THR C 60 -2.60 6.82 13.00
CA THR C 60 -1.62 7.78 13.45
C THR C 60 -2.18 8.61 14.59
N ALA C 61 -3.42 9.08 14.44
CA ALA C 61 -4.10 9.77 15.53
C ALA C 61 -4.23 8.93 16.81
N THR C 62 -4.51 7.64 16.61
CA THR C 62 -4.68 6.72 17.73
C THR C 62 -3.35 6.48 18.45
N LEU C 63 -2.28 6.35 17.67
CA LEU C 63 -0.91 6.30 18.24
C LEU C 63 -0.58 7.57 19.04
N VAL C 64 -0.88 8.75 18.49
CA VAL C 64 -0.62 10.01 19.18
C VAL C 64 -1.35 10.00 20.52
N ASP C 65 -2.63 9.64 20.46
CA ASP C 65 -3.48 9.56 21.64
C ASP C 65 -2.97 8.58 22.70
N ASN C 66 -2.78 7.33 22.30
CA ASN C 66 -2.42 6.30 23.28
C ASN C 66 -1.00 6.48 23.82
N ILE C 67 -0.04 6.76 22.95
CA ILE C 67 1.35 6.81 23.40
C ILE C 67 1.60 8.04 24.28
N SER C 68 0.97 9.18 23.95
CA SER C 68 1.02 10.33 24.86
C SER C 68 0.37 10.01 26.22
N THR C 69 -0.72 9.26 26.19
CA THR C 69 -1.38 8.85 27.45
C THR C 69 -0.42 7.96 28.27
N MET C 70 0.28 7.05 27.60
CA MET C 70 1.33 6.27 28.29
C MET C 70 2.38 7.17 28.95
N ALA C 71 2.81 8.23 28.28
CA ALA C 71 3.80 9.16 28.87
C ALA C 71 3.25 9.81 30.14
N LEU C 72 1.95 10.11 30.13
CA LEU C 72 1.30 10.65 31.34
C LEU C 72 1.21 9.66 32.51
N LEU C 73 0.99 8.38 32.20
CA LEU C 73 1.06 7.32 33.20
C LEU C 73 2.44 7.34 33.87
N CYS C 74 3.47 7.71 33.09
CA CYS C 74 4.85 7.72 33.56
C CYS C 74 5.25 9.06 34.22
N THR C 75 4.36 9.64 35.00
CA THR C 75 4.68 10.88 35.71
C THR C 75 4.42 10.61 37.20
N GLU C 76 4.90 11.53 38.05
CA GLU C 76 4.64 11.44 39.49
C GLU C 76 3.16 11.30 39.76
N ARG C 77 2.35 12.16 39.14
CA ARG C 77 0.91 12.03 39.33
C ARG C 77 0.30 10.74 38.75
N GLY C 78 0.75 10.37 37.56
CA GLY C 78 0.37 9.12 36.90
C GLY C 78 -1.06 9.03 36.43
N ALA C 79 -1.69 10.19 36.27
CA ALA C 79 -3.10 10.29 35.85
C ALA C 79 -3.17 10.37 34.32
N PRO C 80 -3.98 9.51 33.67
CA PRO C 80 -4.01 9.56 32.20
C PRO C 80 -4.90 10.65 31.61
N GLY C 81 -5.90 11.10 32.37
CA GLY C 81 -6.81 12.18 31.93
C GLY C 81 -7.75 11.79 30.79
N VAL C 82 -8.49 12.78 30.30
CA VAL C 82 -9.35 12.58 29.11
C VAL C 82 -9.02 13.60 28.05
N SER C 83 -9.10 13.21 26.78
CA SER C 83 -8.68 14.12 25.68
C SER C 83 -9.56 15.36 25.62
N VAL C 84 -8.93 16.52 25.40
CA VAL C 84 -9.64 17.79 25.22
C VAL C 84 -9.37 18.31 23.80
N ASP C 85 -8.09 18.34 23.41
CA ASP C 85 -7.76 18.84 22.09
C ASP C 85 -6.64 17.93 21.56
N MET C 86 -6.72 17.60 20.28
CA MET C 86 -5.60 16.88 19.64
C MET C 86 -5.40 17.44 18.23
N ASN C 87 -4.14 17.58 17.82
CA ASN C 87 -3.89 17.95 16.42
C ASN C 87 -2.77 17.09 15.88
N ILE C 88 -2.78 16.87 14.57
CA ILE C 88 -1.79 16.00 13.97
C ILE C 88 -1.44 16.64 12.63
N THR C 89 -0.13 16.69 12.33
CA THR C 89 0.34 17.19 11.02
C THR C 89 1.07 16.01 10.35
N TYR C 90 0.78 15.79 9.06
CA TYR C 90 1.21 14.58 8.38
C TYR C 90 2.20 15.03 7.31
N MET C 91 3.48 14.72 7.54
CA MET C 91 4.53 15.27 6.69
CA MET C 91 4.62 15.26 6.77
C MET C 91 5.08 14.33 5.63
N SER C 92 5.03 13.04 5.89
CA SER C 92 5.48 12.01 4.94
C SER C 92 4.67 10.73 5.14
N PRO C 93 4.38 9.97 4.06
CA PRO C 93 3.61 8.74 4.28
C PRO C 93 4.50 7.71 4.94
N ALA C 94 3.88 6.80 5.70
CA ALA C 94 4.53 5.58 6.20
C ALA C 94 3.94 4.43 5.40
N LYS C 95 4.81 3.64 4.80
CA LYS C 95 4.38 2.61 3.87
C LYS C 95 4.27 1.26 4.56
N LEU C 96 3.45 0.37 4.00
CA LEU C 96 3.39 -1.02 4.48
C LEU C 96 4.78 -1.62 4.53
N GLY C 97 5.10 -2.26 5.65
CA GLY C 97 6.39 -2.91 5.85
C GLY C 97 7.44 -2.04 6.52
N GLU C 98 7.16 -0.75 6.64
CA GLU C 98 8.09 0.17 7.29
C GLU C 98 8.02 0.12 8.83
N ASP C 99 9.19 0.19 9.48
CA ASP C 99 9.26 0.27 10.93
C ASP C 99 9.20 1.73 11.36
N ILE C 100 8.30 2.02 12.29
CA ILE C 100 8.12 3.40 12.74
C ILE C 100 8.40 3.50 14.25
N VAL C 101 8.85 4.68 14.66
CA VAL C 101 9.15 4.97 16.06
C VAL C 101 8.19 6.05 16.52
N ILE C 102 7.53 5.84 17.66
CA ILE C 102 6.59 6.82 18.17
C ILE C 102 7.14 7.31 19.50
N THR C 103 7.47 8.59 19.56
CA THR C 103 8.10 9.19 20.74
C THR C 103 7.18 10.22 21.35
N ALA C 104 6.77 10.01 22.61
CA ALA C 104 5.83 10.91 23.27
C ALA C 104 6.51 11.57 24.46
N HIS C 105 6.30 12.87 24.63
CA HIS C 105 6.87 13.68 25.71
CA HIS C 105 6.77 13.51 25.83
C HIS C 105 5.76 14.48 26.41
N VAL C 106 5.80 14.55 27.73
CA VAL C 106 4.92 15.45 28.46
C VAL C 106 5.62 16.82 28.43
N LEU C 107 4.90 17.83 27.95
CA LEU C 107 5.39 19.22 27.88
C LEU C 107 5.21 20.01 29.17
N LYS C 108 4.08 19.78 29.83
CA LYS C 108 3.68 20.53 31.02
C LYS C 108 2.54 19.81 31.69
N GLN C 109 2.62 19.73 33.02
CA GLN C 109 1.52 19.22 33.83
C GLN C 109 1.03 20.25 34.81
N GLY C 110 -0.27 20.54 34.78
CA GLY C 110 -0.85 21.46 35.76
C GLY C 110 -1.84 20.77 36.68
N LYS C 111 -2.63 21.56 37.41
CA LYS C 111 -3.62 21.01 38.32
C LYS C 111 -4.67 20.23 37.56
N THR C 112 -5.16 20.80 36.45
CA THR C 112 -6.30 20.16 35.76
C THR C 112 -6.05 19.87 34.28
N LEU C 113 -4.91 20.30 33.75
CA LEU C 113 -4.55 20.05 32.34
C LEU C 113 -3.14 19.50 32.22
N ALA C 114 -2.95 18.61 31.25
CA ALA C 114 -1.62 18.14 30.88
C ALA C 114 -1.47 18.29 29.38
N PHE C 115 -0.24 18.56 28.95
CA PHE C 115 0.05 18.85 27.54
C PHE C 115 1.16 17.89 27.11
N THR C 116 0.99 17.29 25.94
CA THR C 116 1.93 16.31 25.44
C THR C 116 2.22 16.52 23.95
N SER C 117 3.37 16.04 23.47
CA SER C 117 3.73 16.11 22.05
C SER C 117 4.20 14.72 21.63
N VAL C 118 3.91 14.32 20.38
CA VAL C 118 4.30 13.03 19.84
C VAL C 118 4.88 13.21 18.45
N ASP C 119 6.03 12.59 18.21
CA ASP C 119 6.65 12.49 16.88
C ASP C 119 6.62 11.04 16.43
N LEU C 120 6.19 10.81 15.19
CA LEU C 120 6.30 9.51 14.57
C LEU C 120 7.41 9.68 13.56
N THR C 121 8.38 8.77 13.60
CA THR C 121 9.54 8.84 12.68
C THR C 121 9.76 7.49 11.98
N ASN C 122 10.38 7.51 10.81
CA ASN C 122 10.82 6.28 10.16
C ASN C 122 12.03 5.75 10.92
N LYS C 123 11.98 4.50 11.37
CA LYS C 123 13.06 3.96 12.20
C LYS C 123 14.42 3.99 11.46
N ALA C 124 14.39 3.62 10.18
CA ALA C 124 15.62 3.48 9.37
C ALA C 124 16.32 4.83 9.13
N THR C 125 15.52 5.86 8.84
CA THR C 125 16.06 7.13 8.40
C THR C 125 15.95 8.23 9.46
N GLY C 126 15.07 8.03 10.45
CA GLY C 126 14.78 9.06 11.46
C GLY C 126 13.91 10.19 10.92
N LYS C 127 13.46 10.08 9.67
CA LYS C 127 12.62 11.13 9.04
C LYS C 127 11.27 11.23 9.71
N LEU C 128 10.82 12.46 9.94
CA LEU C 128 9.49 12.70 10.53
C LEU C 128 8.35 12.26 9.58
N ILE C 129 7.48 11.40 10.09
CA ILE C 129 6.21 10.98 9.46
C ILE C 129 5.08 11.96 9.85
N ALA C 130 4.95 12.22 11.14
CA ALA C 130 3.85 13.05 11.63
C ALA C 130 4.23 13.61 12.98
N GLN C 131 3.62 14.73 13.36
CA GLN C 131 3.79 15.30 14.70
C GLN C 131 2.42 15.65 15.24
N GLY C 132 2.19 15.35 16.51
CA GLY C 132 0.90 15.65 17.12
C GLY C 132 1.06 16.36 18.44
N ARG C 133 0.02 17.10 18.86
CA ARG C 133 -0.01 17.68 20.22
C ARG C 133 -1.34 17.28 20.83
N HIS C 134 -1.34 17.02 22.14
CA HIS C 134 -2.52 16.39 22.76
C HIS C 134 -2.67 17.01 24.15
N THR C 135 -3.82 17.64 24.39
CA THR C 135 -4.09 18.24 25.70
C THR C 135 -5.15 17.38 26.35
N LYS C 136 -4.91 17.06 27.61
CA LYS C 136 -5.85 16.22 28.36
C LYS C 136 -6.26 16.93 29.64
N HIS C 137 -7.48 16.63 30.07
CA HIS C 137 -8.04 17.17 31.30
C HIS C 137 -7.90 16.11 32.43
N LEU C 138 -7.37 16.52 33.57
CA LEU C 138 -7.13 15.57 34.67
C LEU C 138 -8.23 15.78 35.70
N GLY C 139 -8.81 14.68 36.14
CA GLY C 139 -9.93 14.71 37.09
C GLY C 139 -9.45 14.50 38.51
N SER D 3 -27.01 7.04 -8.35
CA SER D 3 -27.28 7.75 -7.07
C SER D 3 -26.00 7.87 -6.26
N MET D 4 -25.72 9.09 -5.82
CA MET D 4 -24.51 9.39 -5.07
C MET D 4 -24.53 8.69 -3.71
N THR D 5 -25.68 8.74 -3.07
CA THR D 5 -25.93 8.04 -1.81
C THR D 5 -25.73 6.55 -1.99
N GLN D 6 -26.34 5.96 -3.02
CA GLN D 6 -26.24 4.52 -3.22
C GLN D 6 -24.79 4.07 -3.46
N SER D 7 -24.06 4.81 -4.29
CA SER D 7 -22.63 4.58 -4.52
C SER D 7 -21.81 4.61 -3.22
N LEU D 8 -22.08 5.61 -2.40
CA LEU D 8 -21.31 5.79 -1.18
C LEU D 8 -21.69 4.71 -0.18
N ARG D 9 -22.96 4.33 -0.15
CA ARG D 9 -23.41 3.24 0.70
C ARG D 9 -22.64 1.96 0.35
N GLU D 10 -22.43 1.74 -0.96
CA GLU D 10 -21.69 0.57 -1.40
C GLU D 10 -20.24 0.61 -0.90
N VAL D 11 -19.60 1.77 -1.02
CA VAL D 11 -18.26 1.99 -0.43
C VAL D 11 -18.19 1.67 1.08
N ILE D 12 -19.12 2.22 1.86
CA ILE D 12 -19.24 1.86 3.27
C ILE D 12 -19.37 0.33 3.49
N LYS D 13 -20.19 -0.33 2.69
CA LYS D 13 -20.35 -1.79 2.80
C LYS D 13 -19.02 -2.53 2.60
N ALA D 14 -18.26 -2.11 1.58
CA ALA D 14 -16.94 -2.66 1.28
C ALA D 14 -15.97 -2.47 2.45
N MET D 15 -15.93 -1.24 2.99
CA MET D 15 -15.13 -0.92 4.17
CA MET D 15 -15.13 -0.91 4.19
C MET D 15 -15.34 -1.93 5.31
N THR D 16 -16.59 -2.30 5.53
CA THR D 16 -16.97 -3.29 6.54
C THR D 16 -16.20 -4.62 6.42
N LYS D 17 -15.92 -5.04 5.18
CA LYS D 17 -15.27 -6.32 4.88
C LYS D 17 -13.75 -6.22 4.78
N ALA D 18 -13.21 -5.01 4.99
CA ALA D 18 -11.79 -4.74 4.76
C ALA D 18 -10.92 -5.42 5.81
N ARG D 19 -9.71 -5.78 5.40
CA ARG D 19 -8.69 -6.29 6.29
C ARG D 19 -7.88 -5.12 6.88
N ASN D 20 -7.88 -3.99 6.19
CA ASN D 20 -7.09 -2.83 6.61
C ASN D 20 -7.82 -1.99 7.67
N PHE D 21 -7.28 -0.80 7.96
CA PHE D 21 -7.82 0.02 9.04
C PHE D 21 -9.20 0.55 8.75
N GLU D 22 -9.60 0.58 7.47
CA GLU D 22 -10.94 1.08 7.11
C GLU D 22 -12.04 0.22 7.75
N ARG D 23 -11.70 -1.03 8.13
CA ARG D 23 -12.64 -1.93 8.81
C ARG D 23 -13.22 -1.34 10.12
N VAL D 24 -12.49 -0.41 10.76
CA VAL D 24 -12.89 -0.01 12.11
C VAL D 24 -14.18 0.80 12.18
N LEU D 25 -14.59 1.32 11.02
CA LEU D 25 -15.87 2.02 10.85
C LEU D 25 -16.94 1.12 10.22
N GLY D 26 -16.81 -0.19 10.37
CA GLY D 26 -17.78 -1.12 9.75
C GLY D 26 -19.22 -0.91 10.19
N LYS D 27 -19.39 -0.32 11.37
CA LYS D 27 -20.71 -0.16 11.99
C LYS D 27 -21.50 1.08 11.53
N ILE D 28 -20.86 2.02 10.81
CA ILE D 28 -21.56 3.28 10.48
C ILE D 28 -22.66 3.04 9.45
N THR D 29 -23.66 3.93 9.42
CA THR D 29 -24.71 3.88 8.41
C THR D 29 -24.80 5.26 7.73
N LEU D 30 -25.12 5.27 6.44
CA LEU D 30 -25.21 6.52 5.70
C LEU D 30 -26.61 7.12 5.72
N VAL D 31 -26.72 8.39 6.09
CA VAL D 31 -28.00 9.08 6.08
C VAL D 31 -28.20 9.80 4.75
N SER D 32 -27.23 10.63 4.38
CA SER D 32 -27.32 11.35 3.13
C SER D 32 -25.96 11.68 2.56
N ALA D 33 -25.92 11.75 1.23
CA ALA D 33 -24.75 12.23 0.50
C ALA D 33 -25.23 13.31 -0.46
N ALA D 34 -24.53 14.43 -0.47
CA ALA D 34 -24.84 15.56 -1.35
C ALA D 34 -23.51 16.20 -1.71
N PRO D 35 -23.46 17.06 -2.74
CA PRO D 35 -22.16 17.66 -3.06
C PRO D 35 -21.56 18.35 -1.84
N GLY D 36 -20.37 17.89 -1.46
CA GLY D 36 -19.65 18.46 -0.32
C GLY D 36 -20.26 18.26 1.06
N LYS D 37 -21.26 17.37 1.20
CA LYS D 37 -21.86 17.18 2.53
C LYS D 37 -22.30 15.74 2.72
N VAL D 38 -21.80 15.10 3.76
CA VAL D 38 -22.16 13.73 4.11
C VAL D 38 -22.62 13.67 5.57
N ILE D 39 -23.71 12.93 5.80
CA ILE D 39 -24.21 12.64 7.14
C ILE D 39 -24.23 11.12 7.33
N CYS D 40 -23.54 10.66 8.38
CA CYS D 40 -23.56 9.23 8.78
C CYS D 40 -24.03 9.13 10.22
N GLU D 41 -24.44 7.92 10.62
CA GLU D 41 -24.75 7.68 12.02
C GLU D 41 -24.03 6.41 12.48
N MET D 42 -23.81 6.29 13.77
CA MET D 42 -23.18 5.09 14.29
C MET D 42 -23.65 4.91 15.71
N LYS D 43 -23.91 3.67 16.12
CA LYS D 43 -24.16 3.39 17.53
C LYS D 43 -22.82 3.04 18.17
N VAL D 44 -22.52 3.62 19.33
CA VAL D 44 -21.27 3.30 20.02
C VAL D 44 -21.39 1.87 20.60
N GLU D 45 -20.50 1.01 20.13
CA GLU D 45 -20.44 -0.37 20.61
C GLU D 45 -19.11 -0.63 21.26
N GLU D 46 -18.99 -1.81 21.90
CA GLU D 46 -17.76 -2.13 22.61
C GLU D 46 -16.50 -1.91 21.77
N GLU D 47 -16.54 -2.34 20.51
CA GLU D 47 -15.37 -2.23 19.63
C GLU D 47 -14.88 -0.79 19.40
N HIS D 48 -15.72 0.17 19.78
CA HIS D 48 -15.47 1.59 19.58
C HIS D 48 -14.94 2.30 20.81
N THR D 49 -14.92 1.60 21.95
CA THR D 49 -14.65 2.26 23.23
C THR D 49 -13.20 2.21 23.69
N ASN D 50 -12.89 3.09 24.62
CA ASN D 50 -11.60 3.10 25.32
C ASN D 50 -11.73 2.29 26.63
N ALA D 51 -10.69 2.37 27.46
CA ALA D 51 -10.66 1.61 28.71
C ALA D 51 -11.68 2.05 29.75
N ILE D 52 -12.24 3.27 29.61
CA ILE D 52 -13.28 3.82 30.50
C ILE D 52 -14.71 3.73 29.90
N GLY D 53 -14.86 2.95 28.82
CA GLY D 53 -16.16 2.67 28.22
C GLY D 53 -16.84 3.80 27.45
N THR D 54 -16.08 4.81 27.05
CA THR D 54 -16.63 5.85 26.18
C THR D 54 -16.00 5.75 24.79
N LEU D 55 -16.54 6.50 23.83
CA LEU D 55 -16.01 6.51 22.47
C LEU D 55 -14.52 6.91 22.50
N HIS D 56 -13.69 6.08 21.86
CA HIS D 56 -12.23 6.26 21.93
C HIS D 56 -11.91 7.49 21.07
N GLY D 57 -11.09 8.40 21.59
CA GLY D 57 -10.71 9.64 20.89
C GLY D 57 -10.07 9.35 19.52
N GLY D 58 -9.38 8.22 19.40
CA GLY D 58 -8.77 7.84 18.11
C GLY D 58 -9.77 7.37 17.09
N LEU D 59 -10.86 6.78 17.58
CA LEU D 59 -11.96 6.44 16.69
C LEU D 59 -12.68 7.71 16.23
N THR D 60 -12.87 8.66 17.15
CA THR D 60 -13.45 9.96 16.80
C THR D 60 -12.58 10.57 15.68
N ALA D 61 -11.28 10.49 15.87
CA ALA D 61 -10.32 11.01 14.86
C ALA D 61 -10.52 10.29 13.51
N THR D 62 -10.69 8.98 13.57
CA THR D 62 -10.87 8.19 12.35
C THR D 62 -12.18 8.54 11.64
N LEU D 63 -13.23 8.74 12.43
CA LEU D 63 -14.52 9.26 11.90
C LEU D 63 -14.35 10.62 11.22
N VAL D 64 -13.67 11.57 11.85
CA VAL D 64 -13.43 12.86 11.23
C VAL D 64 -12.71 12.70 9.90
N ASP D 65 -11.66 11.89 9.92
CA ASP D 65 -10.85 11.60 8.75
C ASP D 65 -11.67 10.97 7.61
N ASN D 66 -12.34 9.84 7.90
CA ASN D 66 -13.03 9.09 6.85
C ASN D 66 -14.25 9.84 6.34
N ILE D 67 -15.06 10.40 7.23
CA ILE D 67 -16.34 11.01 6.78
C ILE D 67 -16.09 12.31 6.01
N SER D 68 -15.08 13.09 6.43
CA SER D 68 -14.70 14.24 5.61
C SER D 68 -14.16 13.79 4.25
N THR D 69 -13.39 12.70 4.22
CA THR D 69 -12.89 12.16 2.94
C THR D 69 -14.07 11.78 2.02
N MET D 70 -15.10 11.14 2.59
CA MET D 70 -16.33 10.83 1.86
C MET D 70 -16.98 12.09 1.27
N ALA D 71 -17.00 13.19 2.03
CA ALA D 71 -17.60 14.44 1.54
C ALA D 71 -16.80 14.98 0.34
N LEU D 72 -15.47 14.81 0.37
CA LEU D 72 -14.64 15.18 -0.79
C LEU D 72 -14.88 14.29 -2.01
N LEU D 73 -15.11 13.00 -1.79
CA LEU D 73 -15.49 12.11 -2.89
C LEU D 73 -16.80 12.54 -3.55
N CYS D 74 -17.63 13.27 -2.81
CA CYS D 74 -18.95 13.76 -3.27
C CYS D 74 -18.85 15.19 -3.78
N THR D 75 -17.78 15.50 -4.48
CA THR D 75 -17.64 16.78 -5.15
C THR D 75 -17.38 16.47 -6.62
N GLU D 76 -17.53 17.50 -7.44
CA GLU D 76 -17.30 17.40 -8.88
C GLU D 76 -15.90 16.86 -9.15
N ARG D 77 -14.88 17.45 -8.53
CA ARG D 77 -13.53 16.96 -8.71
C ARG D 77 -13.37 15.53 -8.21
N GLY D 78 -13.97 15.23 -7.03
CA GLY D 78 -14.04 13.87 -6.52
C GLY D 78 -12.74 13.26 -6.04
N ALA D 79 -11.70 14.08 -5.86
CA ALA D 79 -10.39 13.59 -5.38
C ALA D 79 -10.41 13.46 -3.87
N PRO D 80 -9.97 12.30 -3.33
CA PRO D 80 -9.94 12.09 -1.87
C PRO D 80 -8.82 12.83 -1.15
N GLY D 81 -7.73 13.13 -1.89
CA GLY D 81 -6.52 13.72 -1.32
C GLY D 81 -5.81 12.89 -0.25
N VAL D 82 -4.82 13.51 0.37
CA VAL D 82 -4.09 12.93 1.50
C VAL D 82 -4.09 13.96 2.65
N SER D 83 -4.22 13.46 3.87
CA SER D 83 -4.26 14.34 5.04
C SER D 83 -2.99 15.14 5.21
N VAL D 84 -3.14 16.45 5.48
CA VAL D 84 -2.03 17.34 5.82
C VAL D 84 -2.10 17.74 7.30
N ASP D 85 -3.28 18.20 7.73
CA ASP D 85 -3.47 18.66 9.13
C ASP D 85 -4.86 18.22 9.55
N MET D 86 -4.98 17.66 10.75
CA MET D 86 -6.28 17.43 11.33
C MET D 86 -6.27 17.87 12.80
N ASN D 87 -7.38 18.45 13.27
CA ASN D 87 -7.49 18.80 14.67
C ASN D 87 -8.86 18.33 15.14
N ILE D 88 -8.95 17.98 16.42
CA ILE D 88 -10.22 17.49 16.96
C ILE D 88 -10.31 18.09 18.34
N THR D 89 -11.50 18.58 18.68
CA THR D 89 -11.79 19.09 20.03
C THR D 89 -12.89 18.20 20.59
N TYR D 90 -12.67 17.75 21.81
CA TYR D 90 -13.55 16.76 22.46
C TYR D 90 -14.32 17.49 23.57
N MET D 91 -15.62 17.66 23.35
CA MET D 91 -16.43 18.49 24.24
CA MET D 91 -16.49 18.50 24.19
C MET D 91 -17.31 17.71 25.22
N SER D 92 -17.73 16.52 24.83
CA SER D 92 -18.51 15.67 25.73
CA SER D 92 -18.58 15.66 25.68
C SER D 92 -18.30 14.20 25.39
N PRO D 93 -18.38 13.32 26.41
CA PRO D 93 -18.15 11.89 26.12
C PRO D 93 -19.33 11.31 25.39
N ALA D 94 -19.07 10.30 24.57
CA ALA D 94 -20.15 9.51 23.97
C ALA D 94 -20.06 8.13 24.61
N LYS D 95 -21.14 7.74 25.27
CA LYS D 95 -21.14 6.51 26.06
C LYS D 95 -21.49 5.31 25.23
N LEU D 96 -21.09 4.12 25.70
CA LEU D 96 -21.45 2.86 25.09
C LEU D 96 -22.97 2.85 24.93
N GLY D 97 -23.43 2.50 23.74
CA GLY D 97 -24.88 2.41 23.45
C GLY D 97 -25.54 3.68 22.94
N GLU D 98 -24.79 4.78 22.92
CA GLU D 98 -25.27 6.05 22.41
C GLU D 98 -25.22 6.06 20.88
N ASP D 99 -26.25 6.64 20.27
CA ASP D 99 -26.26 6.84 18.83
CA ASP D 99 -26.29 6.84 18.82
C ASP D 99 -25.73 8.22 18.53
N ILE D 100 -24.84 8.28 17.55
CA ILE D 100 -24.18 9.54 17.21
C ILE D 100 -24.36 9.86 15.75
N VAL D 101 -24.30 11.15 15.44
CA VAL D 101 -24.43 11.63 14.06
C VAL D 101 -23.10 12.28 13.70
N ILE D 102 -22.58 11.95 12.53
CA ILE D 102 -21.32 12.50 12.03
C ILE D 102 -21.62 13.29 10.76
N THR D 103 -21.46 14.61 10.84
CA THR D 103 -21.83 15.48 9.71
C THR D 103 -20.58 16.15 9.18
N ALA D 104 -20.25 15.92 7.91
CA ALA D 104 -19.01 16.44 7.30
C ALA D 104 -19.36 17.42 6.20
N HIS D 105 -18.67 18.56 6.17
CA HIS D 105 -18.87 19.59 5.12
C HIS D 105 -17.53 19.90 4.47
N VAL D 106 -17.52 20.01 3.15
CA VAL D 106 -16.38 20.65 2.46
C VAL D 106 -16.53 22.18 2.60
N LEU D 107 -15.54 22.83 3.20
CA LEU D 107 -15.55 24.26 3.41
C LEU D 107 -15.03 25.04 2.19
N LYS D 108 -14.02 24.49 1.54
CA LYS D 108 -13.35 25.15 0.41
C LYS D 108 -12.54 24.10 -0.33
N GLN D 109 -12.58 24.14 -1.67
CA GLN D 109 -11.77 23.29 -2.52
C GLN D 109 -10.92 24.19 -3.41
N GLY D 110 -9.62 23.99 -3.41
CA GLY D 110 -8.75 24.76 -4.27
C GLY D 110 -8.06 23.85 -5.26
N LYS D 111 -7.05 24.42 -5.94
CA LYS D 111 -6.23 23.68 -6.87
C LYS D 111 -5.51 22.51 -6.23
N THR D 112 -4.85 22.75 -5.09
CA THR D 112 -4.03 21.69 -4.46
C THR D 112 -4.49 21.35 -3.03
N LEU D 113 -5.39 22.15 -2.48
CA LEU D 113 -5.84 21.89 -1.09
C LEU D 113 -7.36 21.91 -0.93
N ALA D 114 -7.85 21.06 -0.03
CA ALA D 114 -9.27 21.07 0.32
C ALA D 114 -9.42 21.12 1.84
N PHE D 115 -10.45 21.82 2.30
CA PHE D 115 -10.65 22.10 3.73
C PHE D 115 -12.02 21.57 4.10
N THR D 116 -12.07 20.81 5.18
CA THR D 116 -13.30 20.19 5.55
C THR D 116 -13.51 20.29 7.06
N SER D 117 -14.77 20.21 7.48
CA SER D 117 -15.07 20.25 8.91
CA SER D 117 -15.11 20.29 8.90
C SER D 117 -16.07 19.16 9.24
N VAL D 118 -16.02 18.67 10.48
CA VAL D 118 -16.87 17.56 10.90
C VAL D 118 -17.40 17.79 12.30
N ASP D 119 -18.70 17.59 12.50
CA ASP D 119 -19.34 17.65 13.80
C ASP D 119 -19.82 16.25 14.17
N LEU D 120 -19.57 15.84 15.40
CA LEU D 120 -20.17 14.61 15.93
C LEU D 120 -21.12 15.06 17.03
N THR D 121 -22.38 14.63 16.91
CA THR D 121 -23.41 15.05 17.86
C THR D 121 -24.14 13.83 18.38
N ASN D 122 -24.71 13.94 19.58
CA ASN D 122 -25.61 12.91 20.08
C ASN D 122 -26.90 12.95 19.28
N LYS D 123 -27.33 11.82 18.72
CA LYS D 123 -28.53 11.83 17.86
C LYS D 123 -29.79 12.30 18.59
N ALA D 124 -29.92 11.88 19.86
CA ALA D 124 -31.12 12.16 20.66
C ALA D 124 -31.18 13.61 21.10
N THR D 125 -30.08 14.15 21.63
CA THR D 125 -30.06 15.48 22.23
C THR D 125 -29.55 16.60 21.30
N GLY D 126 -28.81 16.22 20.26
CA GLY D 126 -28.15 17.17 19.37
C GLY D 126 -26.89 17.82 19.93
N LYS D 127 -26.49 17.41 21.12
CA LYS D 127 -25.35 18.01 21.81
C LYS D 127 -24.04 17.56 21.15
N LEU D 128 -23.13 18.51 21.03
CA LEU D 128 -21.82 18.26 20.44
C LEU D 128 -20.95 17.36 21.30
N ILE D 129 -20.55 16.23 20.71
CA ILE D 129 -19.51 15.32 21.25
C ILE D 129 -18.08 15.88 20.88
N ALA D 130 -17.91 16.22 19.63
CA ALA D 130 -16.58 16.63 19.16
C ALA D 130 -16.73 17.38 17.85
N GLN D 131 -15.73 18.20 17.56
CA GLN D 131 -15.65 18.85 16.26
C GLN D 131 -14.21 18.78 15.77
N GLY D 132 -14.08 18.56 14.48
CA GLY D 132 -12.74 18.52 13.87
C GLY D 132 -12.66 19.31 12.59
N ARG D 133 -11.43 19.65 12.21
CA ARG D 133 -11.20 20.25 10.89
C ARG D 133 -10.09 19.44 10.25
N HIS D 134 -10.12 19.35 8.93
CA HIS D 134 -9.26 18.40 8.24
C HIS D 134 -8.88 19.03 6.91
N THR D 135 -7.59 19.31 6.73
CA THR D 135 -7.03 19.83 5.46
C THR D 135 -6.35 18.70 4.71
N LYS D 136 -6.74 18.55 3.45
CA LYS D 136 -6.10 17.55 2.61
C LYS D 136 -5.40 18.17 1.39
N HIS D 137 -4.35 17.49 0.94
CA HIS D 137 -3.58 17.87 -0.26
C HIS D 137 -4.07 17.05 -1.44
N LEU D 138 -4.44 17.73 -2.52
CA LEU D 138 -5.04 17.07 -3.68
C LEU D 138 -4.00 16.96 -4.77
N GLY D 139 -4.06 15.89 -5.58
CA GLY D 139 -5.18 14.86 -5.64
C GLY D 139 -5.36 13.80 -4.53
N THR E 2 -19.89 1.35 -12.17
CA THR E 2 -20.25 0.80 -10.82
C THR E 2 -19.39 1.40 -9.72
N SER E 3 -19.87 1.28 -8.48
CA SER E 3 -19.15 1.71 -7.29
C SER E 3 -17.79 1.02 -7.15
N MET E 4 -17.75 -0.29 -7.40
CA MET E 4 -16.48 -1.05 -7.33
C MET E 4 -15.46 -0.57 -8.37
N THR E 5 -15.92 -0.32 -9.58
CA THR E 5 -15.04 0.18 -10.63
C THR E 5 -14.48 1.53 -10.23
N GLN E 6 -15.36 2.45 -9.79
CA GLN E 6 -14.94 3.77 -9.33
CA GLN E 6 -14.91 3.77 -9.35
C GLN E 6 -13.95 3.68 -8.16
N SER E 7 -14.23 2.77 -7.21
CA SER E 7 -13.36 2.62 -6.04
C SER E 7 -11.99 2.07 -6.45
N LEU E 8 -11.97 1.00 -7.24
CA LEU E 8 -10.67 0.46 -7.69
C LEU E 8 -9.88 1.50 -8.50
N ARG E 9 -10.58 2.28 -9.32
CA ARG E 9 -9.95 3.32 -10.12
C ARG E 9 -9.16 4.28 -9.22
N GLU E 10 -9.79 4.71 -8.12
CA GLU E 10 -9.15 5.66 -7.22
C GLU E 10 -7.93 5.06 -6.56
N VAL E 11 -8.05 3.79 -6.14
CA VAL E 11 -6.96 3.06 -5.53
C VAL E 11 -5.75 2.96 -6.49
N ILE E 12 -6.03 2.56 -7.74
CA ILE E 12 -5.02 2.45 -8.81
C ILE E 12 -4.29 3.78 -9.04
N LYS E 13 -5.04 4.85 -9.24
CA LYS E 13 -4.44 6.17 -9.46
C LYS E 13 -3.45 6.54 -8.37
N ALA E 14 -3.86 6.31 -7.12
CA ALA E 14 -3.05 6.71 -5.96
C ALA E 14 -1.81 5.82 -5.84
N MET E 15 -1.98 4.51 -6.01
CA MET E 15 -0.87 3.55 -5.83
C MET E 15 0.18 3.64 -6.94
N THR E 16 -0.27 4.06 -8.11
CA THR E 16 0.54 4.17 -9.32
C THR E 16 1.35 5.48 -9.39
N LYS E 17 1.01 6.43 -8.52
CA LYS E 17 1.71 7.71 -8.41
C LYS E 17 2.99 7.60 -7.56
N ALA E 18 3.24 6.40 -7.05
CA ALA E 18 4.41 6.14 -6.20
C ALA E 18 5.74 6.22 -6.99
N ARG E 19 6.84 6.40 -6.29
CA ARG E 19 8.17 6.29 -6.89
C ARG E 19 8.59 4.83 -7.01
N ASN E 20 7.78 3.94 -6.45
CA ASN E 20 8.11 2.52 -6.50
C ASN E 20 7.82 1.93 -7.88
N PHE E 21 7.98 0.61 -8.04
CA PHE E 21 7.83 0.00 -9.34
C PHE E 21 6.39 0.04 -9.84
N GLU E 22 5.42 0.17 -8.93
CA GLU E 22 4.00 0.22 -9.33
C GLU E 22 3.79 1.36 -10.36
N ARG E 23 4.72 2.31 -10.36
CA ARG E 23 4.67 3.48 -11.27
C ARG E 23 4.66 3.07 -12.75
N VAL E 24 5.23 1.90 -13.05
CA VAL E 24 5.35 1.53 -14.47
C VAL E 24 4.00 1.27 -15.13
N LEU E 25 2.95 1.13 -14.32
CA LEU E 25 1.58 0.93 -14.79
C LEU E 25 0.73 2.21 -14.73
N GLY E 26 1.39 3.36 -14.63
CA GLY E 26 0.68 4.64 -14.57
C GLY E 26 -0.31 4.88 -15.70
N LYS E 27 -0.01 4.34 -16.87
CA LYS E 27 -0.81 4.61 -18.06
C LYS E 27 -2.03 3.69 -18.24
N ILE E 28 -2.22 2.71 -17.36
CA ILE E 28 -3.37 1.82 -17.55
C ILE E 28 -4.66 2.56 -17.23
N THR E 29 -5.73 2.15 -17.91
CA THR E 29 -7.07 2.63 -17.56
C THR E 29 -7.93 1.44 -17.13
N LEU E 30 -8.83 1.68 -16.19
CA LEU E 30 -9.67 0.62 -15.69
C LEU E 30 -10.97 0.64 -16.46
N VAL E 31 -11.36 -0.52 -17.02
CA VAL E 31 -12.63 -0.63 -17.77
C VAL E 31 -13.74 -1.06 -16.83
N SER E 32 -13.53 -2.16 -16.10
CA SER E 32 -14.50 -2.64 -15.12
C SER E 32 -13.82 -3.46 -14.05
N ALA E 33 -14.40 -3.39 -12.86
CA ALA E 33 -14.06 -4.27 -11.76
C ALA E 33 -15.35 -4.96 -11.27
N ALA E 34 -15.27 -6.27 -11.08
CA ALA E 34 -16.41 -7.09 -10.61
C ALA E 34 -15.81 -8.20 -9.75
N PRO E 35 -16.65 -8.88 -8.95
CA PRO E 35 -16.11 -9.90 -8.06
C PRO E 35 -15.20 -10.85 -8.84
N GLY E 36 -13.91 -10.84 -8.51
CA GLY E 36 -12.97 -11.80 -9.11
C GLY E 36 -12.60 -11.56 -10.56
N LYS E 37 -13.02 -10.43 -11.15
CA LYS E 37 -12.67 -10.14 -12.56
C LYS E 37 -12.38 -8.65 -12.79
N VAL E 38 -11.23 -8.33 -13.41
CA VAL E 38 -10.86 -6.93 -13.65
C VAL E 38 -10.42 -6.81 -15.09
N ILE E 39 -10.93 -5.80 -15.78
CA ILE E 39 -10.55 -5.53 -17.17
C ILE E 39 -9.92 -4.14 -17.22
N CYS E 40 -8.69 -4.09 -17.72
CA CYS E 40 -7.97 -2.82 -17.93
C CYS E 40 -7.57 -2.69 -19.39
N GLU E 41 -7.17 -1.48 -19.78
CA GLU E 41 -6.65 -1.24 -21.12
C GLU E 41 -5.41 -0.38 -21.03
N MET E 42 -4.60 -0.44 -22.06
CA MET E 42 -3.38 0.38 -22.12
C MET E 42 -3.03 0.61 -23.56
N LYS E 43 -2.60 1.84 -23.89
CA LYS E 43 -1.98 2.10 -25.18
C LYS E 43 -0.45 1.91 -25.05
N VAL E 44 0.12 1.00 -25.84
CA VAL E 44 1.58 0.79 -25.85
C VAL E 44 2.30 2.08 -26.30
N GLU E 45 3.00 2.73 -25.36
CA GLU E 45 3.80 3.93 -25.65
C GLU E 45 5.30 3.58 -25.56
N GLU E 46 6.17 4.51 -25.97
CA GLU E 46 7.60 4.24 -25.97
C GLU E 46 8.08 3.68 -24.64
N GLU E 47 7.62 4.27 -23.54
CA GLU E 47 8.04 3.86 -22.19
C GLU E 47 7.73 2.38 -21.85
N HIS E 48 6.89 1.75 -22.67
CA HIS E 48 6.44 0.37 -22.46
C HIS E 48 7.17 -0.65 -23.33
N THR E 49 8.07 -0.19 -24.19
CA THR E 49 8.64 -1.02 -25.22
C THR E 49 10.05 -1.54 -24.90
N ASN E 50 10.47 -2.54 -25.64
CA ASN E 50 11.81 -3.08 -25.56
C ASN E 50 12.61 -2.42 -26.68
N ALA E 51 13.80 -2.93 -26.91
CA ALA E 51 14.72 -2.37 -27.92
C ALA E 51 14.26 -2.50 -29.37
N ILE E 52 13.34 -3.43 -29.63
CA ILE E 52 12.78 -3.66 -30.98
C ILE E 52 11.38 -3.06 -31.16
N GLY E 53 10.96 -2.23 -30.21
CA GLY E 53 9.77 -1.40 -30.39
C GLY E 53 8.43 -2.07 -30.14
N THR E 54 8.47 -3.25 -29.51
CA THR E 54 7.24 -3.96 -29.11
C THR E 54 7.12 -3.97 -27.59
N LEU E 55 5.93 -4.31 -27.10
CA LEU E 55 5.68 -4.33 -25.66
C LEU E 55 6.72 -5.24 -24.97
N HIS E 56 7.39 -4.71 -23.96
CA HIS E 56 8.48 -5.45 -23.30
C HIS E 56 7.87 -6.63 -22.53
N GLY E 57 8.46 -7.81 -22.71
CA GLY E 57 7.96 -9.03 -22.04
C GLY E 57 7.92 -8.93 -20.51
N GLY E 58 8.80 -8.12 -19.91
CA GLY E 58 8.79 -7.88 -18.46
C GLY E 58 7.65 -7.00 -18.02
N LEU E 59 7.24 -6.07 -18.89
CA LEU E 59 6.06 -5.27 -18.62
C LEU E 59 4.77 -6.09 -18.74
N THR E 60 4.73 -6.95 -19.74
CA THR E 60 3.65 -7.94 -19.87
C THR E 60 3.51 -8.74 -18.57
N ALA E 61 4.66 -9.19 -18.04
CA ALA E 61 4.64 -9.95 -16.77
C ALA E 61 4.12 -9.09 -15.63
N THR E 62 4.55 -7.82 -15.61
CA THR E 62 4.10 -6.87 -14.57
C THR E 62 2.59 -6.64 -14.66
N LEU E 63 2.08 -6.51 -15.90
CA LEU E 63 0.62 -6.41 -16.11
C LEU E 63 -0.07 -7.68 -15.56
N VAL E 64 0.44 -8.85 -15.93
CA VAL E 64 -0.17 -10.09 -15.45
C VAL E 64 -0.22 -10.06 -13.92
N ASP E 65 0.89 -9.73 -13.31
CA ASP E 65 1.06 -9.74 -11.86
C ASP E 65 0.10 -8.73 -11.20
N ASN E 66 0.16 -7.47 -11.66
CA ASN E 66 -0.63 -6.44 -10.98
C ASN E 66 -2.12 -6.57 -11.23
N ILE E 67 -2.50 -6.88 -12.47
CA ILE E 67 -3.93 -6.87 -12.81
C ILE E 67 -4.65 -8.07 -12.16
N SER E 68 -3.96 -9.21 -12.10
CA SER E 68 -4.51 -10.34 -11.36
C SER E 68 -4.60 -10.05 -9.84
N THR E 69 -3.65 -9.32 -9.28
CA THR E 69 -3.74 -8.90 -7.88
C THR E 69 -4.98 -7.98 -7.68
N MET E 70 -5.24 -7.10 -8.63
CA MET E 70 -6.48 -6.27 -8.57
C MET E 70 -7.73 -7.15 -8.52
N ALA E 71 -7.79 -8.19 -9.37
CA ALA E 71 -8.92 -9.13 -9.35
C ALA E 71 -9.09 -9.76 -7.95
N LEU E 72 -7.96 -10.08 -7.31
CA LEU E 72 -8.00 -10.61 -5.95
C LEU E 72 -8.48 -9.62 -4.91
N LEU E 73 -8.12 -8.36 -5.04
CA LEU E 73 -8.67 -7.32 -4.19
C LEU E 73 -10.19 -7.23 -4.30
N CYS E 74 -10.72 -7.57 -5.48
CA CYS E 74 -12.15 -7.45 -5.77
C CYS E 74 -12.86 -8.75 -5.41
N THR E 75 -12.43 -9.40 -4.34
CA THR E 75 -13.11 -10.61 -3.90
C THR E 75 -13.63 -10.39 -2.49
N GLU E 76 -14.52 -11.27 -2.02
CA GLU E 76 -15.02 -11.17 -0.64
C GLU E 76 -13.87 -11.15 0.38
N ARG E 77 -12.94 -12.07 0.23
CA ARG E 77 -11.74 -12.11 1.07
C ARG E 77 -10.93 -10.82 0.92
N GLY E 78 -10.69 -10.38 -0.32
CA GLY E 78 -10.03 -9.09 -0.57
C GLY E 78 -8.54 -9.03 -0.27
N ALA E 79 -7.91 -10.20 -0.12
CA ALA E 79 -6.49 -10.30 0.24
C ALA E 79 -5.63 -10.31 -1.03
N PRO E 80 -4.65 -9.39 -1.14
CA PRO E 80 -3.86 -9.39 -2.39
C PRO E 80 -2.82 -10.52 -2.48
N GLY E 81 -2.39 -11.04 -1.34
CA GLY E 81 -1.39 -12.11 -1.28
C GLY E 81 0.01 -11.72 -1.77
N VAL E 82 0.90 -12.73 -1.77
CA VAL E 82 2.23 -12.55 -2.34
C VAL E 82 2.45 -13.59 -3.43
N SER E 83 3.15 -13.20 -4.51
CA SER E 83 3.38 -14.16 -5.61
C SER E 83 4.18 -15.41 -5.23
N VAL E 84 3.72 -16.56 -5.67
CA VAL E 84 4.43 -17.84 -5.48
C VAL E 84 4.95 -18.38 -6.82
N ASP E 85 4.07 -18.46 -7.82
CA ASP E 85 4.43 -18.96 -9.13
C ASP E 85 3.71 -18.10 -10.18
N MET E 86 4.44 -17.71 -11.23
CA MET E 86 3.80 -17.02 -12.33
C MET E 86 4.38 -17.59 -13.62
N ASN E 87 3.52 -17.82 -14.60
CA ASN E 87 3.99 -18.15 -15.92
C ASN E 87 3.30 -17.23 -16.92
N ILE E 88 4.00 -16.99 -18.03
CA ILE E 88 3.49 -16.15 -19.12
C ILE E 88 3.87 -16.83 -20.43
N THR E 89 2.91 -16.88 -21.36
CA THR E 89 3.15 -17.41 -22.74
C THR E 89 2.87 -16.28 -23.72
N TYR E 90 3.82 -16.04 -24.65
CA TYR E 90 3.84 -14.84 -25.52
C TYR E 90 3.52 -15.36 -26.93
N MET E 91 2.31 -15.04 -27.39
CA MET E 91 1.77 -15.55 -28.63
C MET E 91 1.90 -14.60 -29.82
N SER E 92 1.75 -13.29 -29.59
CA SER E 92 1.90 -12.31 -30.65
C SER E 92 2.45 -11.00 -30.09
N PRO E 93 3.26 -10.28 -30.88
CA PRO E 93 3.76 -9.00 -30.39
C PRO E 93 2.69 -7.94 -30.29
N ALA E 94 2.85 -7.03 -29.34
CA ALA E 94 2.04 -5.82 -29.26
C ALA E 94 2.95 -4.68 -29.67
N LYS E 95 2.54 -3.95 -30.72
CA LYS E 95 3.37 -2.91 -31.31
C LYS E 95 3.17 -1.55 -30.67
N LEU E 96 4.18 -0.70 -30.82
CA LEU E 96 4.05 0.70 -30.42
C LEU E 96 2.74 1.28 -30.98
N GLY E 97 1.99 1.97 -30.12
CA GLY E 97 0.73 2.61 -30.47
C GLY E 97 -0.52 1.75 -30.39
N GLU E 98 -0.35 0.46 -30.16
CA GLU E 98 -1.46 -0.49 -30.09
C GLU E 98 -2.22 -0.39 -28.78
N ASP E 99 -3.56 -0.38 -28.84
CA ASP E 99 -4.37 -0.46 -27.63
C ASP E 99 -4.57 -1.92 -27.31
N ILE E 100 -4.31 -2.26 -26.04
CA ILE E 100 -4.43 -3.64 -25.59
C ILE E 100 -5.41 -3.74 -24.44
N VAL E 101 -6.01 -4.92 -24.29
CA VAL E 101 -6.93 -5.16 -23.18
C VAL E 101 -6.28 -6.22 -22.30
N ILE E 102 -6.34 -6.00 -20.99
CA ILE E 102 -5.79 -6.94 -20.02
C ILE E 102 -6.97 -7.40 -19.15
N THR E 103 -7.32 -8.68 -19.24
CA THR E 103 -8.48 -9.23 -18.52
C THR E 103 -7.95 -10.27 -17.55
N ALA E 104 -8.14 -10.00 -16.26
CA ALA E 104 -7.69 -10.88 -15.17
C ALA E 104 -8.88 -11.47 -14.46
N HIS E 105 -8.84 -12.76 -14.16
CA HIS E 105 -9.87 -13.31 -13.29
C HIS E 105 -9.34 -14.34 -12.30
N VAL E 106 -10.10 -14.47 -11.22
CA VAL E 106 -9.77 -15.39 -10.17
C VAL E 106 -10.33 -16.78 -10.55
N LEU E 107 -9.46 -17.78 -10.56
CA LEU E 107 -9.90 -19.14 -10.88
C LEU E 107 -10.42 -19.88 -9.64
N LYS E 108 -9.75 -19.68 -8.53
CA LYS E 108 -10.08 -20.36 -7.28
C LYS E 108 -9.36 -19.67 -6.16
N GLN E 109 -10.01 -19.53 -5.01
CA GLN E 109 -9.18 -19.29 -3.85
C GLN E 109 -9.54 -20.14 -2.67
N GLY E 110 -8.54 -20.43 -1.85
CA GLY E 110 -8.76 -21.18 -0.61
C GLY E 110 -8.24 -20.41 0.57
N LYS E 111 -7.89 -21.16 1.61
CA LYS E 111 -7.43 -20.57 2.85
C LYS E 111 -6.09 -19.85 2.68
N THR E 112 -5.16 -20.47 1.93
CA THR E 112 -3.79 -19.93 1.87
C THR E 112 -3.26 -19.71 0.46
N LEU E 113 -3.99 -20.22 -0.52
CA LEU E 113 -3.60 -20.07 -1.95
C LEU E 113 -4.74 -19.50 -2.81
N ALA E 114 -4.38 -18.59 -3.71
CA ALA E 114 -5.31 -18.05 -4.71
C ALA E 114 -4.69 -18.26 -6.10
N PHE E 115 -5.55 -18.55 -7.07
CA PHE E 115 -5.10 -18.89 -8.46
C PHE E 115 -5.82 -17.97 -9.42
N THR E 116 -5.09 -17.42 -10.39
CA THR E 116 -5.61 -16.33 -11.14
C THR E 116 -5.07 -16.52 -12.59
N SER E 117 -5.83 -16.09 -13.60
CA SER E 117 -5.41 -16.19 -15.03
C SER E 117 -5.60 -14.81 -15.67
N VAL E 118 -4.74 -14.48 -16.64
CA VAL E 118 -4.80 -13.16 -17.29
C VAL E 118 -4.58 -13.36 -18.80
N ASP E 119 -5.43 -12.73 -19.62
CA ASP E 119 -5.23 -12.68 -21.08
C ASP E 119 -4.94 -11.24 -21.47
N LEU E 120 -3.93 -11.04 -22.32
CA LEU E 120 -3.72 -9.71 -22.94
C LEU E 120 -4.05 -9.89 -24.41
N THR E 121 -4.84 -8.93 -24.93
CA THR E 121 -5.49 -9.12 -26.17
C THR E 121 -5.40 -7.78 -26.96
N ASN E 122 -5.24 -7.86 -28.29
CA ASN E 122 -5.27 -6.62 -29.12
C ASN E 122 -6.71 -6.10 -29.10
N LYS E 123 -6.93 -4.86 -28.67
CA LYS E 123 -8.29 -4.32 -28.57
C LYS E 123 -9.00 -4.41 -29.94
N ALA E 124 -8.30 -4.04 -31.00
CA ALA E 124 -8.90 -3.89 -32.34
C ALA E 124 -9.25 -5.20 -33.03
N THR E 125 -8.40 -6.21 -32.86
CA THR E 125 -8.58 -7.49 -33.54
C THR E 125 -9.07 -8.59 -32.60
N GLY E 126 -8.99 -8.35 -31.28
CA GLY E 126 -9.29 -9.38 -30.27
C GLY E 126 -8.23 -10.47 -30.09
N LYS E 127 -7.19 -10.45 -30.93
CA LYS E 127 -6.18 -11.50 -31.02
C LYS E 127 -5.36 -11.55 -29.73
N LEU E 128 -5.11 -12.75 -29.23
CA LEU E 128 -4.31 -12.93 -28.01
C LEU E 128 -2.86 -12.49 -28.20
N ILE E 129 -2.40 -11.66 -27.27
CA ILE E 129 -1.02 -11.20 -27.20
C ILE E 129 -0.23 -12.16 -26.28
N ALA E 130 -0.80 -12.43 -25.10
CA ALA E 130 -0.10 -13.26 -24.13
C ALA E 130 -1.14 -13.77 -23.14
N GLN E 131 -0.81 -14.87 -22.49
CA GLN E 131 -1.64 -15.41 -21.42
C GLN E 131 -0.72 -15.81 -20.29
N GLY E 132 -1.17 -15.51 -19.09
CA GLY E 132 -0.38 -15.84 -17.88
C GLY E 132 -1.26 -16.46 -16.82
N ARG E 133 -0.65 -17.24 -15.94
CA ARG E 133 -1.32 -17.76 -14.72
C ARG E 133 -0.44 -17.37 -13.53
N HIS E 134 -1.08 -17.13 -12.38
CA HIS E 134 -0.40 -16.49 -11.24
C HIS E 134 -1.01 -17.04 -9.96
N THR E 135 -0.18 -17.72 -9.18
CA THR E 135 -0.59 -18.31 -7.91
C THR E 135 -0.01 -17.45 -6.82
N LYS E 136 -0.87 -17.06 -5.87
CA LYS E 136 -0.48 -16.20 -4.77
C LYS E 136 -0.76 -16.89 -3.41
N HIS E 137 0.13 -16.65 -2.45
CA HIS E 137 -0.03 -17.13 -1.06
C HIS E 137 -0.71 -16.03 -0.25
N LEU E 138 -1.75 -16.43 0.49
CA LEU E 138 -2.52 -15.49 1.29
C LEU E 138 -2.15 -15.71 2.74
N GLY E 139 -1.88 -14.60 3.44
CA GLY E 139 -1.53 -14.60 4.87
C GLY E 139 -2.79 -14.61 5.72
N THR F 2 38.38 -11.31 -23.77
CA THR F 2 36.98 -10.98 -24.16
C THR F 2 36.59 -9.59 -23.67
N SER F 3 36.12 -8.76 -24.59
CA SER F 3 35.43 -7.55 -24.23
C SER F 3 33.93 -7.83 -24.44
N MET F 4 33.61 -9.13 -24.43
CA MET F 4 32.24 -9.64 -24.32
C MET F 4 31.63 -8.98 -23.08
N THR F 5 32.46 -8.95 -22.04
CA THR F 5 32.21 -8.20 -20.84
C THR F 5 32.06 -6.69 -21.09
N GLN F 6 32.99 -6.11 -21.87
CA GLN F 6 32.89 -4.67 -22.18
C GLN F 6 31.64 -4.33 -23.01
N SER F 7 31.31 -5.19 -23.96
CA SER F 7 30.11 -5.05 -24.78
C SER F 7 28.85 -5.05 -23.90
N LEU F 8 28.79 -5.99 -22.97
CA LEU F 8 27.65 -6.05 -22.07
C LEU F 8 27.61 -4.86 -21.09
N ARG F 9 28.77 -4.41 -20.60
CA ARG F 9 28.77 -3.18 -19.82
C ARG F 9 28.16 -2.01 -20.62
N GLU F 10 28.43 -1.97 -21.91
CA GLU F 10 27.93 -0.87 -22.74
C GLU F 10 26.41 -0.95 -22.93
N VAL F 11 25.92 -2.17 -23.06
CA VAL F 11 24.47 -2.44 -23.12
C VAL F 11 23.80 -1.92 -21.86
N ILE F 12 24.39 -2.22 -20.70
CA ILE F 12 23.85 -1.79 -19.42
C ILE F 12 23.85 -0.27 -19.32
N LYS F 13 24.92 0.37 -19.78
CA LYS F 13 24.93 1.82 -19.87
C LYS F 13 23.82 2.42 -20.74
N ALA F 14 23.59 1.88 -21.90
CA ALA F 14 22.48 2.32 -22.78
C ALA F 14 21.12 2.18 -22.09
N MET F 15 20.94 1.07 -21.34
CA MET F 15 19.70 0.84 -20.60
C MET F 15 19.45 1.95 -19.61
N THR F 16 20.47 2.33 -18.86
CA THR F 16 20.40 3.40 -17.87
C THR F 16 19.77 4.68 -18.45
N LYS F 17 20.12 5.00 -19.69
CA LYS F 17 19.70 6.25 -20.34
C LYS F 17 18.44 6.13 -21.19
N ALA F 18 17.95 4.91 -21.39
CA ALA F 18 16.78 4.62 -22.22
C ALA F 18 15.49 5.30 -21.74
N ARG F 19 14.62 5.66 -22.70
CA ARG F 19 13.28 6.11 -22.40
C ARG F 19 12.31 4.93 -22.36
N ASN F 20 12.69 3.86 -23.05
CA ASN F 20 11.86 2.66 -23.11
C ASN F 20 11.92 1.82 -21.80
N PHE F 21 11.26 0.67 -21.80
CA PHE F 21 11.15 -0.11 -20.58
C PHE F 21 12.49 -0.65 -20.06
N GLU F 22 13.47 -0.85 -20.95
CA GLU F 22 14.83 -1.28 -20.52
C GLU F 22 15.44 -0.38 -19.43
N ARG F 23 14.93 0.85 -19.31
CA ARG F 23 15.40 1.81 -18.29
C ARG F 23 15.25 1.30 -16.86
N VAL F 24 14.33 0.36 -16.64
CA VAL F 24 13.97 -0.01 -15.29
C VAL F 24 15.08 -0.83 -14.60
N LEU F 25 16.00 -1.35 -15.42
CA LEU F 25 17.20 -2.07 -14.97
C LEU F 25 18.48 -1.20 -15.00
N GLY F 26 18.33 0.11 -15.04
CA GLY F 26 19.48 1.02 -15.05
C GLY F 26 20.42 0.96 -13.84
N LYS F 27 19.97 0.40 -12.72
CA LYS F 27 20.82 0.31 -11.52
C LYS F 27 21.64 -0.98 -11.41
N ILE F 28 21.47 -1.91 -12.34
CA ILE F 28 22.20 -3.19 -12.27
C ILE F 28 23.69 -3.00 -12.60
N THR F 29 24.54 -3.86 -12.04
CA THR F 29 25.96 -3.88 -12.33
C THR F 29 26.39 -5.26 -12.83
N LEU F 30 27.22 -5.29 -13.86
CA LEU F 30 27.72 -6.51 -14.41
C LEU F 30 28.84 -7.03 -13.51
N VAL F 31 28.71 -8.28 -13.08
CA VAL F 31 29.74 -8.94 -12.25
C VAL F 31 30.61 -9.82 -13.15
N SER F 32 29.97 -10.59 -14.03
CA SER F 32 30.67 -11.54 -14.86
C SER F 32 29.94 -11.84 -16.17
N ALA F 33 30.71 -11.98 -17.26
CA ALA F 33 30.17 -12.44 -18.53
C ALA F 33 31.08 -13.50 -19.13
N ALA F 34 30.49 -14.64 -19.48
CA ALA F 34 31.20 -15.76 -20.09
C ALA F 34 30.23 -16.43 -21.05
N PRO F 35 30.75 -17.31 -21.95
CA PRO F 35 29.87 -18.00 -22.88
C PRO F 35 28.64 -18.57 -22.18
N GLY F 36 27.47 -18.05 -22.57
CA GLY F 36 26.19 -18.57 -22.12
C GLY F 36 25.92 -18.39 -20.64
N LYS F 37 26.68 -17.54 -19.96
CA LYS F 37 26.47 -17.31 -18.52
C LYS F 37 26.79 -15.87 -18.14
N VAL F 38 25.83 -15.19 -17.53
CA VAL F 38 25.97 -13.80 -17.09
C VAL F 38 25.55 -13.66 -15.64
N ILE F 39 26.36 -12.92 -14.88
CA ILE F 39 26.06 -12.59 -13.50
C ILE F 39 25.99 -11.07 -13.33
N CYS F 40 24.90 -10.59 -12.76
CA CYS F 40 24.74 -9.18 -12.47
C CYS F 40 24.37 -9.03 -11.02
N GLU F 41 24.46 -7.80 -10.52
CA GLU F 41 23.96 -7.54 -9.17
C GLU F 41 23.21 -6.21 -9.06
N MET F 42 22.38 -6.09 -8.04
CA MET F 42 21.58 -4.88 -7.87
C MET F 42 21.24 -4.71 -6.39
N LYS F 43 21.26 -3.47 -5.91
CA LYS F 43 20.76 -3.14 -4.58
C LYS F 43 19.31 -2.77 -4.76
N VAL F 44 18.44 -3.36 -3.96
CA VAL F 44 16.99 -3.05 -4.04
C VAL F 44 16.73 -1.66 -3.44
N GLU F 45 16.35 -0.73 -4.31
CA GLU F 45 16.01 0.63 -3.91
C GLU F 45 14.51 0.85 -4.05
N GLU F 46 14.03 2.01 -3.59
CA GLU F 46 12.58 2.30 -3.63
C GLU F 46 11.95 2.06 -5.01
N GLU F 47 12.64 2.48 -6.08
CA GLU F 47 12.14 2.35 -7.44
C GLU F 47 11.88 0.89 -7.85
N HIS F 48 12.46 -0.04 -7.11
CA HIS F 48 12.40 -1.47 -7.44
C HIS F 48 11.34 -2.19 -6.63
N THR F 49 10.72 -1.49 -5.69
CA THR F 49 9.84 -2.16 -4.72
C THR F 49 8.35 -2.13 -5.11
N ASN F 50 7.60 -3.02 -4.49
CA ASN F 50 6.14 -3.02 -4.56
C ASN F 50 5.58 -2.22 -3.38
N ALA F 51 4.26 -2.21 -3.25
CA ALA F 51 3.60 -1.46 -2.15
C ALA F 51 3.89 -2.02 -0.77
N ILE F 52 4.44 -3.23 -0.70
CA ILE F 52 4.84 -3.79 0.62
C ILE F 52 6.34 -3.71 0.93
N GLY F 53 7.08 -2.96 0.10
CA GLY F 53 8.48 -2.62 0.38
C GLY F 53 9.45 -3.76 0.09
N THR F 54 9.01 -4.74 -0.70
CA THR F 54 9.94 -5.79 -1.17
C THR F 54 10.09 -5.68 -2.68
N LEU F 55 11.08 -6.40 -3.22
CA LEU F 55 11.35 -6.43 -4.65
C LEU F 55 10.07 -6.80 -5.41
N HIS F 56 9.68 -5.95 -6.37
CA HIS F 56 8.46 -6.15 -7.12
C HIS F 56 8.59 -7.41 -8.01
N GLY F 57 7.58 -8.28 -7.96
CA GLY F 57 7.65 -9.55 -8.71
C GLY F 57 7.75 -9.34 -10.23
N GLY F 58 7.23 -8.19 -10.72
CA GLY F 58 7.28 -7.86 -12.15
C GLY F 58 8.68 -7.42 -12.52
N LEU F 59 9.37 -6.78 -11.57
CA LEU F 59 10.79 -6.45 -11.78
C LEU F 59 11.66 -7.71 -11.74
N THR F 60 11.38 -8.61 -10.81
CA THR F 60 12.03 -9.92 -10.86
C THR F 60 11.86 -10.60 -12.23
N ALA F 61 10.65 -10.59 -12.77
CA ALA F 61 10.40 -11.16 -14.09
C ALA F 61 11.21 -10.43 -15.20
N THR F 62 11.30 -9.11 -15.06
CA THR F 62 12.07 -8.27 -15.99
C THR F 62 13.56 -8.61 -15.92
N LEU F 63 14.07 -8.75 -14.69
CA LEU F 63 15.45 -9.25 -14.51
C LEU F 63 15.69 -10.62 -15.17
N VAL F 64 14.79 -11.58 -14.91
CA VAL F 64 14.89 -12.89 -15.55
C VAL F 64 14.97 -12.78 -17.08
N ASP F 65 14.02 -12.03 -17.64
CA ASP F 65 13.94 -11.79 -19.06
C ASP F 65 15.21 -11.14 -19.63
N ASN F 66 15.64 -10.03 -19.04
CA ASN F 66 16.78 -9.31 -19.59
C ASN F 66 18.11 -10.02 -19.38
N ILE F 67 18.32 -10.58 -18.19
CA ILE F 67 19.64 -11.14 -17.86
C ILE F 67 19.83 -12.45 -18.63
N SER F 68 18.73 -13.22 -18.78
CA SER F 68 18.82 -14.41 -19.64
C SER F 68 19.10 -14.04 -21.09
N THR F 69 18.49 -12.95 -21.55
CA THR F 69 18.75 -12.46 -22.92
C THR F 69 20.25 -12.09 -23.07
N MET F 70 20.81 -11.49 -22.03
CA MET F 70 22.26 -11.15 -22.03
C MET F 70 23.11 -12.40 -22.15
N ALA F 71 22.72 -13.47 -21.44
CA ALA F 71 23.43 -14.77 -21.57
C ALA F 71 23.41 -15.26 -23.01
N LEU F 72 22.29 -15.07 -23.70
CA LEU F 72 22.16 -15.48 -25.10
C LEU F 72 23.02 -14.64 -26.03
N LEU F 73 23.14 -13.35 -25.74
CA LEU F 73 24.05 -12.47 -26.49
C LEU F 73 25.51 -12.94 -26.34
N CYS F 74 25.82 -13.53 -25.18
CA CYS F 74 27.15 -14.07 -24.88
C CYS F 74 27.37 -15.48 -25.42
N THR F 75 26.71 -15.82 -26.52
CA THR F 75 26.96 -17.11 -27.17
C THR F 75 27.53 -16.87 -28.56
N GLU F 76 28.07 -17.92 -29.17
CA GLU F 76 28.63 -17.86 -30.53
C GLU F 76 27.61 -17.20 -31.46
N ARG F 77 26.40 -17.76 -31.51
CA ARG F 77 25.34 -17.18 -32.34
C ARG F 77 25.02 -15.74 -31.95
N GLY F 78 24.88 -15.50 -30.64
CA GLY F 78 24.67 -14.15 -30.12
C GLY F 78 23.34 -13.50 -30.48
N ALA F 79 22.34 -14.33 -30.82
CA ALA F 79 21.00 -13.87 -31.16
C ALA F 79 20.17 -13.76 -29.87
N PRO F 80 19.54 -12.59 -29.64
CA PRO F 80 18.77 -12.44 -28.39
C PRO F 80 17.41 -13.14 -28.42
N GLY F 81 16.85 -13.38 -29.61
CA GLY F 81 15.50 -14.00 -29.74
C GLY F 81 14.34 -13.17 -29.22
N VAL F 82 13.15 -13.75 -29.26
CA VAL F 82 11.97 -13.11 -28.66
C VAL F 82 11.37 -14.16 -27.70
N SER F 83 10.79 -13.66 -26.63
CA SER F 83 10.23 -14.57 -25.60
C SER F 83 9.09 -15.41 -26.11
N VAL F 84 9.06 -16.68 -25.70
CA VAL F 84 7.94 -17.57 -26.05
C VAL F 84 7.25 -17.98 -24.74
N ASP F 85 8.04 -18.44 -23.78
CA ASP F 85 7.46 -18.87 -22.49
C ASP F 85 8.40 -18.46 -21.38
N MET F 86 7.85 -17.98 -20.26
CA MET F 86 8.71 -17.68 -19.10
C MET F 86 7.95 -18.09 -17.86
N ASN F 87 8.64 -18.70 -16.91
CA ASN F 87 8.00 -18.93 -15.60
C ASN F 87 8.94 -18.42 -14.50
N ILE F 88 8.37 -18.11 -13.35
CA ILE F 88 9.19 -17.56 -12.25
C ILE F 88 8.56 -18.17 -10.99
N THR F 89 9.42 -18.62 -10.08
CA THR F 89 8.96 -19.12 -8.76
C THR F 89 9.60 -18.21 -7.69
N TYR F 90 8.81 -17.79 -6.73
CA TYR F 90 9.25 -16.80 -5.77
C TYR F 90 9.35 -17.46 -4.39
N MET F 91 10.58 -17.62 -3.92
CA MET F 91 10.90 -18.40 -2.72
C MET F 91 11.09 -17.61 -1.46
N SER F 92 11.65 -16.40 -1.58
CA SER F 92 11.81 -15.52 -0.43
CA SER F 92 11.83 -15.52 -0.43
C SER F 92 11.75 -14.09 -0.89
N PRO F 93 11.30 -13.18 0.00
CA PRO F 93 11.31 -11.77 -0.39
C PRO F 93 12.71 -11.16 -0.40
N ALA F 94 12.90 -10.19 -1.27
CA ALA F 94 14.08 -9.33 -1.21
C ALA F 94 13.64 -7.95 -0.71
N LYS F 95 14.14 -7.52 0.45
CA LYS F 95 13.68 -6.29 1.09
C LYS F 95 14.42 -5.09 0.55
N LEU F 96 13.77 -3.92 0.61
CA LEU F 96 14.43 -2.65 0.36
C LEU F 96 15.78 -2.65 1.07
N GLY F 97 16.82 -2.22 0.37
CA GLY F 97 18.18 -2.14 0.91
C GLY F 97 19.04 -3.37 0.68
N GLU F 98 18.43 -4.50 0.32
CA GLU F 98 19.20 -5.74 0.15
C GLU F 98 19.90 -5.81 -1.19
N ASP F 99 21.05 -6.46 -1.22
CA ASP F 99 21.78 -6.66 -2.47
C ASP F 99 21.44 -8.03 -3.03
N ILE F 100 21.13 -8.11 -4.31
CA ILE F 100 20.78 -9.39 -4.92
C ILE F 100 21.79 -9.71 -6.03
N VAL F 101 21.96 -10.98 -6.32
CA VAL F 101 22.79 -11.42 -7.45
C VAL F 101 21.84 -12.15 -8.39
N ILE F 102 21.94 -11.83 -9.67
CA ILE F 102 21.14 -12.46 -10.71
C ILE F 102 22.10 -13.24 -11.63
N THR F 103 21.93 -14.55 -11.65
CA THR F 103 22.78 -15.46 -12.41
C THR F 103 21.94 -16.17 -13.49
N ALA F 104 22.29 -15.94 -14.76
CA ALA F 104 21.54 -16.48 -15.91
C ALA F 104 22.45 -17.41 -16.65
N HIS F 105 21.93 -18.57 -17.04
CA HIS F 105 22.69 -19.44 -17.91
C HIS F 105 21.86 -20.06 -19.03
N VAL F 106 22.54 -20.32 -20.14
CA VAL F 106 21.91 -20.97 -21.27
C VAL F 106 21.91 -22.48 -21.02
N LEU F 107 20.73 -23.08 -21.08
CA LEU F 107 20.60 -24.52 -20.84
C LEU F 107 20.81 -25.33 -22.12
N LYS F 108 20.31 -24.79 -23.22
CA LYS F 108 20.47 -25.40 -24.52
C LYS F 108 20.07 -24.38 -25.56
N GLN F 109 20.76 -24.37 -26.69
CA GLN F 109 20.15 -23.72 -27.83
C GLN F 109 20.16 -24.56 -29.08
N GLY F 110 19.05 -24.50 -29.80
CA GLY F 110 18.91 -25.24 -31.04
C GLY F 110 18.83 -24.25 -32.17
N LYS F 111 18.31 -24.71 -33.30
CA LYS F 111 18.20 -23.90 -34.51
C LYS F 111 17.27 -22.71 -34.34
N THR F 112 16.12 -22.92 -33.69
CA THR F 112 15.07 -21.89 -33.61
C THR F 112 14.64 -21.55 -32.18
N LEU F 113 15.09 -22.36 -31.23
CA LEU F 113 14.68 -22.17 -29.82
C LEU F 113 15.89 -22.21 -28.92
N ALA F 114 15.93 -21.34 -27.91
CA ALA F 114 16.97 -21.34 -26.88
C ALA F 114 16.28 -21.36 -25.51
N PHE F 115 16.92 -22.02 -24.56
CA PHE F 115 16.33 -22.28 -23.22
C PHE F 115 17.33 -21.74 -22.21
N THR F 116 16.82 -20.96 -21.23
CA THR F 116 17.69 -20.32 -20.24
C THR F 116 17.07 -20.45 -18.86
N SER F 117 17.92 -20.42 -17.86
CA SER F 117 17.50 -20.46 -16.47
C SER F 117 18.15 -19.31 -15.70
N VAL F 118 17.45 -18.78 -14.71
CA VAL F 118 17.96 -17.64 -13.95
C VAL F 118 17.66 -17.85 -12.47
N ASP F 119 18.67 -17.62 -11.62
CA ASP F 119 18.49 -17.60 -10.15
C ASP F 119 18.73 -16.19 -9.67
N LEU F 120 17.90 -15.69 -8.76
CA LEU F 120 18.17 -14.47 -7.99
C LEU F 120 18.43 -14.93 -6.56
N THR F 121 19.49 -14.40 -5.97
CA THR F 121 19.97 -14.89 -4.70
C THR F 121 20.32 -13.68 -3.85
N ASN F 122 20.18 -13.78 -2.53
CA ASN F 122 20.59 -12.70 -1.66
C ASN F 122 22.13 -12.68 -1.60
N LYS F 123 22.77 -11.54 -1.86
CA LYS F 123 24.25 -11.48 -1.91
C LYS F 123 24.88 -11.89 -0.58
N ALA F 124 24.27 -11.44 0.51
CA ALA F 124 24.81 -11.66 1.86
C ALA F 124 24.71 -13.10 2.37
N THR F 125 23.58 -13.75 2.10
CA THR F 125 23.27 -15.07 2.66
C THR F 125 23.38 -16.21 1.64
N GLY F 126 23.32 -15.87 0.35
CA GLY F 126 23.31 -16.86 -0.71
C GLY F 126 21.94 -17.48 -0.93
N LYS F 127 20.95 -17.09 -0.13
CA LYS F 127 19.62 -17.74 -0.20
C LYS F 127 18.87 -17.38 -1.48
N LEU F 128 18.20 -18.37 -2.06
CA LEU F 128 17.37 -18.12 -3.26
C LEU F 128 16.19 -17.22 -3.00
N ILE F 129 16.12 -16.15 -3.80
CA ILE F 129 14.99 -15.26 -3.82
C ILE F 129 13.96 -15.80 -4.83
N ALA F 130 14.42 -16.10 -6.06
CA ALA F 130 13.48 -16.58 -7.09
C ALA F 130 14.27 -17.39 -8.11
N GLN F 131 13.58 -18.27 -8.84
CA GLN F 131 14.18 -18.94 -9.98
C GLN F 131 13.20 -18.88 -11.16
N GLY F 132 13.73 -18.65 -12.36
CA GLY F 132 12.91 -18.59 -13.55
C GLY F 132 13.53 -19.37 -14.68
N ARG F 133 12.67 -19.76 -15.63
CA ARG F 133 13.16 -20.38 -16.86
C ARG F 133 12.51 -19.61 -18.02
N HIS F 134 13.20 -19.53 -19.15
CA HIS F 134 12.79 -18.60 -20.19
C HIS F 134 13.16 -19.23 -21.55
N THR F 135 12.14 -19.43 -22.39
CA THR F 135 12.33 -20.07 -23.73
C THR F 135 12.16 -18.96 -24.72
N LYS F 136 13.13 -18.83 -25.64
CA LYS F 136 13.06 -17.77 -26.65
C LYS F 136 13.13 -18.42 -28.02
N HIS F 137 12.52 -17.71 -28.99
CA HIS F 137 12.49 -18.12 -30.38
C HIS F 137 13.54 -17.27 -31.13
N LEU F 138 14.38 -17.97 -31.89
CA LEU F 138 15.44 -17.31 -32.68
C LEU F 138 15.04 -17.34 -34.15
N GLY F 139 15.11 -16.19 -34.79
CA GLY F 139 14.63 -16.03 -36.17
C GLY F 139 15.70 -16.40 -37.16
N MET G 4 18.00 -43.69 4.71
CA MET G 4 17.04 -43.00 3.80
CA MET G 4 17.24 -42.85 3.72
C MET G 4 17.05 -43.65 2.42
N THR G 5 18.17 -44.22 1.98
CA THR G 5 18.20 -45.00 0.74
C THR G 5 17.45 -46.32 0.95
N GLN G 6 17.65 -46.97 2.10
CA GLN G 6 16.87 -48.18 2.39
C GLN G 6 15.35 -47.90 2.34
N SER G 7 14.93 -46.77 2.90
CA SER G 7 13.52 -46.42 2.91
CA SER G 7 13.53 -46.38 2.92
C SER G 7 13.01 -46.08 1.50
N LEU G 8 13.82 -45.38 0.71
CA LEU G 8 13.38 -44.99 -0.62
C LEU G 8 13.33 -46.19 -1.56
N ARG G 9 14.23 -47.16 -1.35
CA ARG G 9 14.10 -48.41 -2.08
C ARG G 9 12.76 -49.11 -1.82
N GLU G 10 12.28 -49.04 -0.58
CA GLU G 10 10.98 -49.68 -0.28
C GLU G 10 9.86 -48.96 -1.02
N VAL G 11 9.94 -47.63 -1.07
CA VAL G 11 8.94 -46.82 -1.80
C VAL G 11 8.92 -47.25 -3.27
N ILE G 12 10.10 -47.37 -3.88
CA ILE G 12 10.21 -47.79 -5.27
C ILE G 12 9.61 -49.20 -5.48
N LYS G 13 9.97 -50.14 -4.62
CA LYS G 13 9.37 -51.49 -4.68
C LYS G 13 7.83 -51.43 -4.61
N ALA G 14 7.29 -50.58 -3.75
CA ALA G 14 5.85 -50.43 -3.59
C ALA G 14 5.24 -49.90 -4.89
N MET G 15 5.99 -49.04 -5.59
CA MET G 15 5.56 -48.52 -6.91
C MET G 15 5.47 -49.60 -7.99
N THR G 16 6.48 -50.46 -8.05
CA THR G 16 6.52 -51.56 -9.02
C THR G 16 5.28 -52.44 -8.93
N LYS G 17 4.81 -52.73 -7.71
CA LYS G 17 3.67 -53.64 -7.59
C LYS G 17 2.31 -52.92 -7.44
N ALA G 18 2.35 -51.59 -7.49
CA ALA G 18 1.12 -50.78 -7.39
C ALA G 18 0.09 -51.09 -8.49
N ARG G 19 -1.19 -50.94 -8.14
CA ARG G 19 -2.26 -50.92 -9.14
C ARG G 19 -2.60 -49.51 -9.59
N ASN G 20 -2.28 -48.53 -8.76
CA ASN G 20 -2.58 -47.12 -9.10
C ASN G 20 -1.57 -46.54 -10.09
N PHE G 21 -1.61 -45.23 -10.27
CA PHE G 21 -0.78 -44.62 -11.29
C PHE G 21 0.72 -44.67 -10.97
N GLU G 22 1.07 -44.86 -9.70
CA GLU G 22 2.49 -44.93 -9.30
C GLU G 22 3.21 -46.09 -10.03
N ARG G 23 2.44 -47.05 -10.54
CA ARG G 23 3.01 -48.22 -11.28
C ARG G 23 3.83 -47.84 -12.50
N VAL G 24 3.59 -46.66 -13.06
CA VAL G 24 4.23 -46.28 -14.31
C VAL G 24 5.72 -46.00 -14.16
N LEU G 25 6.18 -45.83 -12.91
CA LEU G 25 7.61 -45.63 -12.60
C LEU G 25 8.23 -46.89 -11.99
N GLY G 26 7.54 -48.01 -12.20
CA GLY G 26 8.01 -49.33 -11.70
C GLY G 26 9.46 -49.64 -12.06
N LYS G 27 9.91 -49.17 -13.23
CA LYS G 27 11.25 -49.50 -13.72
C LYS G 27 12.39 -48.59 -13.22
N ILE G 28 12.09 -47.53 -12.44
CA ILE G 28 13.18 -46.65 -12.00
C ILE G 28 14.11 -47.33 -10.98
N THR G 29 15.36 -46.87 -10.90
CA THR G 29 16.30 -47.36 -9.89
C THR G 29 16.89 -46.19 -9.07
N LEU G 30 17.11 -46.41 -7.77
CA LEU G 30 17.70 -45.38 -6.93
C LEU G 30 19.21 -45.36 -7.04
N VAL G 31 19.75 -44.19 -7.37
CA VAL G 31 21.19 -43.98 -7.37
C VAL G 31 21.66 -43.47 -6.01
N SER G 32 21.05 -42.40 -5.50
CA SER G 32 21.44 -41.86 -4.19
C SER G 32 20.32 -41.02 -3.60
N ALA G 33 20.35 -40.92 -2.27
CA ALA G 33 19.42 -40.08 -1.55
C ALA G 33 20.28 -39.34 -0.53
N ALA G 34 19.98 -38.05 -0.34
CA ALA G 34 20.63 -37.20 0.67
C ALA G 34 19.60 -36.13 1.06
N PRO G 35 19.88 -35.31 2.10
CA PRO G 35 18.86 -34.35 2.49
C PRO G 35 18.47 -33.49 1.30
N GLY G 36 17.20 -33.57 0.95
CA GLY G 36 16.64 -32.74 -0.12
C GLY G 36 17.20 -33.00 -1.51
N LYS G 37 17.86 -34.14 -1.72
CA LYS G 37 18.41 -34.45 -3.04
C LYS G 37 18.26 -35.95 -3.33
N VAL G 38 17.59 -36.27 -4.43
CA VAL G 38 17.41 -37.67 -4.81
C VAL G 38 17.81 -37.81 -6.26
N ILE G 39 18.57 -38.86 -6.56
CA ILE G 39 18.98 -39.20 -7.93
C ILE G 39 18.47 -40.61 -8.24
N CYS G 40 17.70 -40.73 -9.32
CA CYS G 40 17.22 -42.02 -9.86
C CYS G 40 17.67 -42.19 -11.30
N GLU G 41 17.58 -43.43 -11.79
CA GLU G 41 17.83 -43.72 -13.20
C GLU G 41 16.70 -44.55 -13.77
N MET G 42 16.55 -44.47 -15.08
CA MET G 42 15.57 -45.32 -15.77
C MET G 42 16.04 -45.59 -17.19
N LYS G 43 15.81 -46.80 -17.68
CA LYS G 43 16.08 -47.09 -19.11
C LYS G 43 14.74 -46.89 -19.81
N VAL G 44 14.75 -46.13 -20.91
CA VAL G 44 13.51 -45.86 -21.65
C VAL G 44 13.11 -47.15 -22.38
N GLU G 45 11.95 -47.69 -22.01
CA GLU G 45 11.43 -48.92 -22.63
C GLU G 45 10.15 -48.56 -23.41
N GLU G 46 9.59 -49.53 -24.16
CA GLU G 46 8.37 -49.25 -24.93
C GLU G 46 7.25 -48.61 -24.07
N GLU G 47 7.06 -49.16 -22.86
CA GLU G 47 5.97 -48.72 -21.98
C GLU G 47 6.06 -47.22 -21.61
N HIS G 48 7.23 -46.63 -21.85
CA HIS G 48 7.52 -45.24 -21.46
C HIS G 48 7.39 -44.24 -22.59
N THR G 49 7.12 -44.74 -23.80
CA THR G 49 7.19 -43.92 -25.01
C THR G 49 5.84 -43.39 -25.53
N ASN G 50 5.91 -42.39 -26.39
CA ASN G 50 4.79 -41.90 -27.13
C ASN G 50 4.78 -42.63 -28.48
N ALA G 51 3.86 -42.22 -29.35
CA ALA G 51 3.69 -42.83 -30.69
C ALA G 51 4.87 -42.69 -31.66
N ILE G 52 5.87 -41.87 -31.33
CA ILE G 52 7.08 -41.75 -32.15
C ILE G 52 8.35 -42.36 -31.48
N GLY G 53 8.14 -43.20 -30.45
CA GLY G 53 9.24 -43.92 -29.82
C GLY G 53 10.20 -43.07 -28.99
N THR G 54 9.74 -41.90 -28.53
CA THR G 54 10.54 -41.14 -27.56
C THR G 54 9.82 -41.07 -26.21
N LEU G 55 10.55 -40.69 -25.17
CA LEU G 55 9.99 -40.61 -23.81
C LEU G 55 8.75 -39.71 -23.82
N HIS G 56 7.62 -40.24 -23.35
CA HIS G 56 6.36 -39.47 -23.41
C HIS G 56 6.46 -38.28 -22.46
N GLY G 57 6.04 -37.10 -22.93
CA GLY G 57 6.12 -35.87 -22.13
C GLY G 57 5.36 -35.99 -20.81
N GLY G 58 4.31 -36.81 -20.79
CA GLY G 58 3.48 -37.00 -19.58
C GLY G 58 4.22 -37.88 -18.58
N LEU G 59 5.02 -38.82 -19.09
CA LEU G 59 5.89 -39.61 -18.20
C LEU G 59 7.02 -38.77 -17.62
N THR G 60 7.59 -37.89 -18.45
CA THR G 60 8.60 -36.96 -17.97
C THR G 60 7.98 -36.13 -16.83
N ALA G 61 6.76 -35.65 -17.02
CA ALA G 61 6.07 -34.89 -15.96
C ALA G 61 5.87 -35.76 -14.70
N THR G 62 5.52 -37.03 -14.88
CA THR G 62 5.32 -37.93 -13.74
C THR G 62 6.64 -38.17 -12.98
N LEU G 63 7.73 -38.28 -13.73
CA LEU G 63 9.06 -38.39 -13.14
C LEU G 63 9.40 -37.13 -12.33
N VAL G 64 9.14 -35.96 -12.90
CA VAL G 64 9.38 -34.72 -12.17
C VAL G 64 8.62 -34.69 -10.85
N ASP G 65 7.34 -35.01 -10.93
CA ASP G 65 6.43 -35.02 -9.79
C ASP G 65 6.93 -35.97 -8.72
N ASN G 66 7.13 -37.23 -9.10
CA ASN G 66 7.46 -38.27 -8.14
C ASN G 66 8.85 -38.11 -7.53
N ILE G 67 9.87 -37.85 -8.37
CA ILE G 67 11.23 -37.83 -7.84
C ILE G 67 11.46 -36.57 -6.99
N SER G 68 10.77 -35.47 -7.32
CA SER G 68 10.83 -34.27 -6.49
C SER G 68 10.15 -34.54 -5.13
N THR G 69 9.06 -35.30 -5.17
CA THR G 69 8.35 -35.69 -3.94
C THR G 69 9.26 -36.57 -3.08
N MET G 70 10.01 -37.47 -3.70
CA MET G 70 11.02 -38.28 -2.97
C MET G 70 12.05 -37.40 -2.28
N ALA G 71 12.48 -36.35 -2.97
CA ALA G 71 13.44 -35.42 -2.37
C ALA G 71 12.84 -34.77 -1.12
N LEU G 72 11.53 -34.49 -1.14
CA LEU G 72 10.87 -33.89 0.03
C LEU G 72 10.74 -34.88 1.19
N LEU G 73 10.62 -36.17 0.86
CA LEU G 73 10.63 -37.21 1.90
C LEU G 73 11.98 -37.23 2.59
N CYS G 74 13.02 -36.84 1.87
CA CYS G 74 14.37 -36.77 2.41
C CYS G 74 14.76 -35.46 3.08
N THR G 75 13.85 -34.87 3.86
CA THR G 75 14.14 -33.64 4.60
C THR G 75 13.83 -33.84 6.08
N GLU G 76 14.32 -32.95 6.95
CA GLU G 76 14.05 -33.03 8.38
C GLU G 76 12.55 -33.22 8.64
N ARG G 77 11.69 -32.49 7.92
CA ARG G 77 10.23 -32.63 8.07
C ARG G 77 9.59 -33.85 7.39
N GLY G 78 10.07 -34.20 6.20
CA GLY G 78 9.63 -35.41 5.50
C GLY G 78 8.20 -35.48 5.01
N ALA G 79 7.55 -34.32 4.82
CA ALA G 79 6.17 -34.28 4.32
C ALA G 79 6.22 -34.18 2.79
N PRO G 80 5.51 -35.08 2.11
CA PRO G 80 5.41 -35.15 0.64
C PRO G 80 4.62 -33.98 0.02
N GLY G 81 3.62 -33.45 0.73
CA GLY G 81 2.75 -32.37 0.19
C GLY G 81 1.87 -32.75 -0.98
N VAL G 82 1.11 -31.78 -1.50
CA VAL G 82 0.28 -31.99 -2.69
C VAL G 82 0.69 -30.91 -3.71
N SER G 83 0.68 -31.29 -4.98
CA SER G 83 1.18 -30.39 -6.05
C SER G 83 0.30 -29.16 -6.15
N VAL G 84 0.95 -27.99 -6.31
CA VAL G 84 0.29 -26.70 -6.57
C VAL G 84 0.60 -26.20 -7.98
N ASP G 85 1.87 -26.15 -8.34
CA ASP G 85 2.27 -25.69 -9.66
C ASP G 85 3.39 -26.59 -10.14
N MET G 86 3.34 -27.00 -11.40
CA MET G 86 4.47 -27.67 -12.02
C MET G 86 4.73 -27.10 -13.41
N ASN G 87 5.99 -26.91 -13.76
CA ASN G 87 6.30 -26.60 -15.15
C ASN G 87 7.41 -27.52 -15.62
N ILE G 88 7.42 -27.78 -16.92
CA ILE G 88 8.48 -28.63 -17.52
C ILE G 88 8.87 -27.99 -18.85
N THR G 89 10.18 -27.94 -19.12
CA THR G 89 10.72 -27.49 -20.42
C THR G 89 11.45 -28.68 -21.04
N TYR G 90 11.18 -28.93 -22.33
CA TYR G 90 11.63 -30.16 -23.03
C TYR G 90 12.67 -29.74 -24.05
N MET G 91 13.92 -30.13 -23.81
CA MET G 91 15.06 -29.63 -24.57
C MET G 91 15.65 -30.59 -25.60
N SER G 92 15.57 -31.88 -25.30
CA SER G 92 16.04 -32.92 -26.23
C SER G 92 15.28 -34.21 -26.02
N PRO G 93 15.00 -34.98 -27.09
CA PRO G 93 14.27 -36.23 -26.94
C PRO G 93 15.09 -37.28 -26.20
N ALA G 94 14.42 -38.09 -25.38
CA ALA G 94 15.03 -39.30 -24.86
C ALA G 94 14.45 -40.47 -25.62
N LYS G 95 15.32 -41.23 -26.28
CA LYS G 95 14.89 -42.25 -27.21
C LYS G 95 14.81 -43.63 -26.57
N LEU G 96 14.01 -44.51 -27.17
CA LEU G 96 13.90 -45.90 -26.70
C LEU G 96 15.30 -46.51 -26.52
N GLY G 97 15.53 -47.16 -25.38
CA GLY G 97 16.82 -47.78 -25.08
C GLY G 97 17.84 -46.90 -24.38
N GLU G 98 17.60 -45.59 -24.34
CA GLU G 98 18.50 -44.65 -23.65
C GLU G 98 18.34 -44.71 -22.13
N ASP G 99 19.47 -44.70 -21.41
CA ASP G 99 19.44 -44.60 -19.94
C ASP G 99 19.37 -43.13 -19.58
N ILE G 100 18.47 -42.78 -18.68
CA ILE G 100 18.30 -41.39 -18.25
C ILE G 100 18.52 -41.26 -16.75
N VAL G 101 18.95 -40.08 -16.32
CA VAL G 101 19.21 -39.82 -14.91
C VAL G 101 18.25 -38.69 -14.52
N ILE G 102 17.55 -38.87 -13.42
CA ILE G 102 16.59 -37.87 -12.92
C ILE G 102 17.12 -37.39 -11.55
N THR G 103 17.47 -36.12 -11.50
CA THR G 103 18.07 -35.51 -10.32
C THR G 103 17.12 -34.45 -9.77
N ALA G 104 16.69 -34.62 -8.53
CA ALA G 104 15.70 -33.71 -7.89
C ALA G 104 16.34 -33.04 -6.68
N HIS G 105 16.10 -31.74 -6.54
CA HIS G 105 16.65 -30.93 -5.43
CA HIS G 105 16.55 -31.09 -5.34
C HIS G 105 15.54 -30.13 -4.77
N VAL G 106 15.52 -30.12 -3.45
CA VAL G 106 14.62 -29.22 -2.74
C VAL G 106 15.29 -27.84 -2.73
N LEU G 107 14.59 -26.84 -3.24
CA LEU G 107 15.11 -25.47 -3.32
C LEU G 107 14.85 -24.63 -2.05
N LYS G 108 13.68 -24.83 -1.46
CA LYS G 108 13.25 -24.05 -0.30
C LYS G 108 12.09 -24.79 0.33
N GLN G 109 12.09 -24.84 1.67
CA GLN G 109 11.01 -25.42 2.42
C GLN G 109 10.49 -24.42 3.46
N GLY G 110 9.18 -24.31 3.59
CA GLY G 110 8.60 -23.43 4.60
C GLY G 110 7.50 -24.09 5.38
N LYS G 111 6.76 -23.28 6.15
CA LYS G 111 5.62 -23.78 6.90
C LYS G 111 4.59 -24.47 6.01
N THR G 112 4.26 -23.88 4.84
CA THR G 112 3.14 -24.42 4.04
C THR G 112 3.49 -24.75 2.58
N LEU G 113 4.64 -24.27 2.12
CA LEU G 113 5.04 -24.49 0.72
C LEU G 113 6.44 -25.06 0.62
N ALA G 114 6.64 -25.96 -0.33
CA ALA G 114 7.97 -26.47 -0.64
C ALA G 114 8.19 -26.29 -2.13
N PHE G 115 9.42 -26.00 -2.48
CA PHE G 115 9.79 -25.73 -3.89
C PHE G 115 10.91 -26.71 -4.28
N THR G 116 10.80 -27.32 -5.47
CA THR G 116 11.76 -28.33 -5.91
C THR G 116 12.10 -28.10 -7.40
N SER G 117 13.25 -28.61 -7.83
CA SER G 117 13.66 -28.56 -9.24
C SER G 117 14.16 -29.94 -9.64
N VAL G 118 13.96 -30.31 -10.91
CA VAL G 118 14.34 -31.64 -11.39
C VAL G 118 14.96 -31.48 -12.78
N ASP G 119 16.13 -32.08 -12.96
CA ASP G 119 16.76 -32.24 -14.29
C ASP G 119 16.70 -33.70 -14.72
N LEU G 120 16.30 -33.92 -15.95
CA LEU G 120 16.49 -35.24 -16.57
C LEU G 120 17.62 -35.09 -17.56
N THR G 121 18.58 -36.02 -17.50
CA THR G 121 19.76 -35.98 -18.36
C THR G 121 19.99 -37.36 -19.00
N ASN G 122 20.59 -37.38 -20.17
CA ASN G 122 21.02 -38.65 -20.77
C ASN G 122 22.22 -39.14 -19.95
N LYS G 123 22.17 -40.39 -19.48
CA LYS G 123 23.24 -40.91 -18.62
C LYS G 123 24.61 -40.92 -19.32
N ALA G 124 24.61 -41.31 -20.58
CA ALA G 124 25.85 -41.45 -21.35
C ALA G 124 26.52 -40.09 -21.66
N THR G 125 25.74 -39.15 -22.20
CA THR G 125 26.27 -37.87 -22.67
C THR G 125 26.19 -36.73 -21.66
N GLY G 126 25.38 -36.91 -20.61
CA GLY G 126 25.10 -35.84 -19.66
C GLY G 126 24.21 -34.70 -20.16
N LYS G 127 23.73 -34.81 -21.39
CA LYS G 127 22.94 -33.76 -22.03
C LYS G 127 21.56 -33.61 -21.35
N LEU G 128 21.12 -32.37 -21.17
CA LEU G 128 19.77 -32.10 -20.63
C LEU G 128 18.66 -32.57 -21.56
N ILE G 129 17.77 -33.39 -21.02
CA ILE G 129 16.58 -33.82 -21.69
C ILE G 129 15.46 -32.83 -21.36
N ALA G 130 15.25 -32.60 -20.07
CA ALA G 130 14.18 -31.68 -19.65
C ALA G 130 14.51 -31.15 -18.27
N GLN G 131 13.88 -30.04 -17.92
CA GLN G 131 14.01 -29.46 -16.58
C GLN G 131 12.61 -29.06 -16.12
N GLY G 132 12.29 -29.37 -14.86
CA GLY G 132 11.03 -28.92 -14.31
C GLY G 132 11.17 -28.26 -12.95
N ARG G 133 10.15 -27.51 -12.56
CA ARG G 133 10.08 -26.95 -11.20
C ARG G 133 8.71 -27.35 -10.64
N HIS G 134 8.63 -27.56 -9.34
CA HIS G 134 7.42 -28.19 -8.78
C HIS G 134 7.24 -27.63 -7.41
N THR G 135 6.11 -26.96 -7.18
CA THR G 135 5.78 -26.31 -5.88
C THR G 135 4.68 -27.15 -5.29
N LYS G 136 4.85 -27.51 -4.01
CA LYS G 136 3.89 -28.33 -3.31
C LYS G 136 3.43 -27.64 -2.02
N HIS G 137 2.19 -27.91 -1.65
CA HIS G 137 1.61 -27.37 -0.43
C HIS G 137 1.69 -28.45 0.64
N LEU G 138 2.21 -28.06 1.81
CA LEU G 138 2.39 -28.99 2.94
C LEU G 138 1.24 -28.81 3.92
N GLY G 139 0.62 -29.92 4.31
CA GLY G 139 -0.54 -29.90 5.19
C GLY G 139 -0.14 -29.94 6.65
N THR H 2 -18.90 -38.76 -41.92
CA THR H 2 -17.47 -38.35 -41.75
C THR H 2 -17.30 -37.17 -40.78
N SER H 3 -17.71 -37.33 -39.53
CA SER H 3 -17.57 -36.22 -38.59
C SER H 3 -16.17 -36.20 -37.98
N MET H 4 -15.73 -35.00 -37.62
CA MET H 4 -14.48 -34.81 -36.91
C MET H 4 -14.44 -35.58 -35.59
N THR H 5 -15.56 -35.57 -34.86
CA THR H 5 -15.67 -36.31 -33.61
C THR H 5 -15.50 -37.82 -33.78
N GLN H 6 -16.20 -38.42 -34.75
CA GLN H 6 -15.99 -39.83 -34.99
C GLN H 6 -14.56 -40.14 -35.41
N SER H 7 -13.99 -39.30 -36.27
CA SER H 7 -12.64 -39.52 -36.77
C SER H 7 -11.63 -39.40 -35.63
N LEU H 8 -11.80 -38.38 -34.79
CA LEU H 8 -10.88 -38.23 -33.66
C LEU H 8 -11.04 -39.38 -32.67
N ARG H 9 -12.28 -39.80 -32.43
CA ARG H 9 -12.57 -40.93 -31.57
C ARG H 9 -11.76 -42.17 -31.97
N GLU H 10 -11.71 -42.41 -33.28
CA GLU H 10 -10.98 -43.55 -33.83
C GLU H 10 -9.49 -43.40 -33.55
N VAL H 11 -8.97 -42.20 -33.77
CA VAL H 11 -7.54 -41.94 -33.60
C VAL H 11 -7.19 -42.10 -32.12
N ILE H 12 -7.98 -41.47 -31.26
CA ILE H 12 -7.76 -41.53 -29.81
C ILE H 12 -7.73 -42.98 -29.36
N LYS H 13 -8.75 -43.75 -29.79
CA LYS H 13 -8.86 -45.18 -29.45
C LYS H 13 -7.70 -46.02 -30.03
N ALA H 14 -7.24 -45.66 -31.21
CA ALA H 14 -6.13 -46.38 -31.85
C ALA H 14 -4.85 -46.18 -31.04
N MET H 15 -4.58 -44.94 -30.66
CA MET H 15 -3.39 -44.63 -29.86
C MET H 15 -3.33 -45.42 -28.54
N THR H 16 -4.47 -45.54 -27.85
CA THR H 16 -4.53 -46.25 -26.56
C THR H 16 -4.42 -47.76 -26.64
N LYS H 17 -4.50 -48.31 -27.86
CA LYS H 17 -4.35 -49.76 -28.07
C LYS H 17 -2.91 -50.23 -27.81
N ALA H 18 -1.96 -49.29 -27.89
CA ALA H 18 -0.54 -49.64 -27.85
C ALA H 18 -0.06 -50.03 -26.46
N ARG H 19 1.10 -50.70 -26.45
CA ARG H 19 1.79 -51.07 -25.22
C ARG H 19 2.58 -49.88 -24.66
N ASN H 20 2.64 -48.79 -25.44
CA ASN H 20 3.40 -47.60 -25.05
C ASN H 20 2.66 -46.78 -23.98
N PHE H 21 3.18 -45.60 -23.64
CA PHE H 21 2.58 -44.81 -22.57
C PHE H 21 1.19 -44.30 -22.90
N GLU H 22 0.86 -44.25 -24.19
CA GLU H 22 -0.44 -43.74 -24.62
C GLU H 22 -1.57 -44.59 -24.03
N ARG H 23 -1.21 -45.81 -23.65
CA ARG H 23 -2.11 -46.76 -23.02
C ARG H 23 -2.82 -46.21 -21.77
N VAL H 24 -2.16 -45.29 -21.04
CA VAL H 24 -2.67 -44.85 -19.72
C VAL H 24 -3.97 -44.02 -19.80
N LEU H 25 -4.33 -43.61 -21.01
CA LEU H 25 -5.56 -42.85 -21.24
C LEU H 25 -6.68 -43.72 -21.81
N GLY H 26 -6.50 -45.03 -21.75
CA GLY H 26 -7.46 -45.99 -22.30
C GLY H 26 -8.91 -45.78 -21.87
N LYS H 27 -9.10 -45.23 -20.67
CA LYS H 27 -10.46 -45.01 -20.13
C LYS H 27 -11.13 -43.70 -20.54
N ILE H 28 -10.43 -42.82 -21.26
CA ILE H 28 -11.06 -41.55 -21.61
C ILE H 28 -12.13 -41.76 -22.68
N THR H 29 -13.13 -40.89 -22.68
CA THR H 29 -14.12 -40.88 -23.74
C THR H 29 -14.07 -39.51 -24.44
N LEU H 30 -14.43 -39.49 -25.72
CA LEU H 30 -14.47 -38.25 -26.49
C LEU H 30 -15.89 -37.74 -26.51
N VAL H 31 -16.07 -36.48 -26.13
CA VAL H 31 -17.38 -35.83 -26.19
C VAL H 31 -17.61 -35.10 -27.51
N SER H 32 -16.64 -34.27 -27.91
CA SER H 32 -16.74 -33.52 -29.14
C SER H 32 -15.36 -33.10 -29.64
N ALA H 33 -15.20 -33.10 -30.96
CA ALA H 33 -14.05 -32.51 -31.63
C ALA H 33 -14.57 -31.46 -32.59
N ALA H 34 -13.94 -30.29 -32.57
CA ALA H 34 -14.29 -29.15 -33.39
C ALA H 34 -12.97 -28.49 -33.77
N PRO H 35 -12.97 -27.57 -34.76
CA PRO H 35 -11.68 -26.94 -35.08
C PRO H 35 -11.03 -26.31 -33.85
N GLY H 36 -9.82 -26.78 -33.52
CA GLY H 36 -9.03 -26.30 -32.39
C GLY H 36 -9.66 -26.41 -31.01
N LYS H 37 -10.62 -27.34 -30.85
CA LYS H 37 -11.29 -27.53 -29.57
C LYS H 37 -11.69 -28.98 -29.41
N VAL H 38 -11.25 -29.59 -28.32
CA VAL H 38 -11.58 -30.98 -28.04
C VAL H 38 -12.08 -31.10 -26.60
N ILE H 39 -13.14 -31.88 -26.40
CA ILE H 39 -13.69 -32.09 -25.05
C ILE H 39 -13.73 -33.58 -24.82
N CYS H 40 -13.08 -34.03 -23.73
CA CYS H 40 -13.06 -35.43 -23.34
C CYS H 40 -13.58 -35.56 -21.92
N GLU H 41 -13.92 -36.78 -21.54
CA GLU H 41 -14.31 -37.08 -20.17
C GLU H 41 -13.61 -38.33 -19.65
N MET H 42 -13.52 -38.44 -18.34
CA MET H 42 -12.93 -39.63 -17.72
C MET H 42 -13.42 -39.81 -16.30
N LYS H 43 -13.81 -41.03 -15.92
CA LYS H 43 -14.10 -41.35 -14.52
C LYS H 43 -12.79 -41.75 -13.84
N VAL H 44 -12.50 -41.13 -12.69
CA VAL H 44 -11.28 -41.41 -11.96
C VAL H 44 -11.41 -42.77 -11.27
N GLU H 45 -10.61 -43.73 -11.71
CA GLU H 45 -10.58 -45.05 -11.05
C GLU H 45 -9.20 -45.33 -10.46
N GLU H 46 -9.08 -46.47 -9.79
CA GLU H 46 -7.85 -46.83 -9.10
C GLU H 46 -6.58 -46.61 -9.91
N GLU H 47 -6.59 -47.04 -11.17
CA GLU H 47 -5.42 -46.99 -12.07
C GLU H 47 -4.94 -45.57 -12.30
N HIS H 48 -5.82 -44.62 -11.97
CA HIS H 48 -5.54 -43.18 -12.22
C HIS H 48 -5.04 -42.43 -11.00
N THR H 49 -5.04 -43.10 -9.85
CA THR H 49 -4.83 -42.40 -8.60
C THR H 49 -3.39 -42.43 -8.10
N ASN H 50 -3.11 -41.53 -7.15
CA ASN H 50 -1.87 -41.56 -6.41
C ASN H 50 -2.10 -42.31 -5.09
N ALA H 51 -1.11 -42.24 -4.20
CA ALA H 51 -1.10 -42.89 -2.89
C ALA H 51 -2.16 -42.40 -1.89
N ILE H 52 -2.73 -41.22 -2.13
CA ILE H 52 -3.77 -40.69 -1.26
C ILE H 52 -5.16 -40.78 -1.90
N GLY H 53 -5.27 -41.58 -2.97
CA GLY H 53 -6.53 -41.84 -3.65
C GLY H 53 -7.15 -40.73 -4.48
N THR H 54 -6.35 -39.72 -4.86
CA THR H 54 -6.87 -38.72 -5.79
C THR H 54 -6.16 -38.85 -7.15
N LEU H 55 -6.69 -38.15 -8.16
CA LEU H 55 -6.10 -38.18 -9.49
C LEU H 55 -4.61 -37.80 -9.43
N HIS H 56 -3.75 -38.65 -10.02
CA HIS H 56 -2.32 -38.45 -9.91
C HIS H 56 -1.94 -37.22 -10.75
N GLY H 57 -1.13 -36.35 -10.16
CA GLY H 57 -0.67 -35.14 -10.86
C GLY H 57 -0.02 -35.36 -12.22
N GLY H 58 0.70 -36.48 -12.33
CA GLY H 58 1.40 -36.91 -13.54
C GLY H 58 0.43 -37.29 -14.61
N LEU H 59 -0.68 -37.92 -14.21
CA LEU H 59 -1.74 -38.25 -15.14
C LEU H 59 -2.49 -36.98 -15.59
N THR H 60 -2.70 -36.04 -14.68
CA THR H 60 -3.27 -34.76 -15.05
C THR H 60 -2.40 -34.11 -16.15
N ALA H 61 -1.07 -34.13 -15.95
CA ALA H 61 -0.14 -33.57 -16.93
C ALA H 61 -0.26 -34.33 -18.28
N THR H 62 -0.35 -35.66 -18.18
CA THR H 62 -0.53 -36.51 -19.37
C THR H 62 -1.80 -36.15 -20.14
N LEU H 63 -2.86 -35.91 -19.40
CA LEU H 63 -4.14 -35.44 -19.98
C LEU H 63 -4.00 -34.11 -20.70
N VAL H 64 -3.36 -33.14 -20.06
CA VAL H 64 -3.07 -31.86 -20.69
C VAL H 64 -2.28 -32.06 -21.99
N ASP H 65 -1.22 -32.85 -21.91
CA ASP H 65 -0.32 -33.08 -23.02
C ASP H 65 -1.06 -33.71 -24.20
N ASN H 66 -1.78 -34.81 -23.94
CA ASN H 66 -2.42 -35.56 -25.02
C ASN H 66 -3.62 -34.82 -25.61
N ILE H 67 -4.47 -34.28 -24.75
CA ILE H 67 -5.73 -33.71 -25.23
C ILE H 67 -5.47 -32.39 -25.96
N SER H 68 -4.47 -31.62 -25.51
CA SER H 68 -4.09 -30.45 -26.30
C SER H 68 -3.53 -30.85 -27.66
N THR H 69 -2.77 -31.96 -27.69
CA THR H 69 -2.22 -32.49 -28.96
C THR H 69 -3.38 -32.88 -29.90
N MET H 70 -4.40 -33.51 -29.36
CA MET H 70 -5.58 -33.87 -30.15
CA MET H 70 -5.60 -33.87 -30.14
C MET H 70 -6.25 -32.64 -30.74
N ALA H 71 -6.31 -31.55 -29.98
CA ALA H 71 -6.88 -30.32 -30.50
C ALA H 71 -6.05 -29.76 -31.66
N LEU H 72 -4.73 -29.91 -31.58
CA LEU H 72 -3.83 -29.57 -32.70
C LEU H 72 -4.06 -30.39 -33.97
N LEU H 73 -4.46 -31.65 -33.80
CA LEU H 73 -4.82 -32.51 -34.94
C LEU H 73 -6.09 -32.02 -35.65
N CYS H 74 -6.96 -31.34 -34.88
CA CYS H 74 -8.23 -30.76 -35.37
C CYS H 74 -8.02 -29.36 -35.91
N THR H 75 -7.01 -29.23 -36.77
CA THR H 75 -6.71 -27.96 -37.41
C THR H 75 -6.40 -28.28 -38.86
N GLU H 76 -6.45 -27.27 -39.72
CA GLU H 76 -6.14 -27.41 -41.15
C GLU H 76 -4.74 -28.01 -41.36
N ARG H 77 -3.78 -27.54 -40.57
CA ARG H 77 -2.41 -28.07 -40.67
C ARG H 77 -2.28 -29.49 -40.12
N GLY H 78 -2.91 -29.78 -38.99
CA GLY H 78 -2.92 -31.13 -38.42
C GLY H 78 -1.56 -31.69 -38.03
N ALA H 79 -0.65 -30.81 -37.62
CA ALA H 79 0.66 -31.21 -37.14
C ALA H 79 0.58 -31.35 -35.63
N PRO H 80 0.90 -32.54 -35.10
CA PRO H 80 0.84 -32.77 -33.66
C PRO H 80 1.95 -32.01 -32.91
N GLY H 81 3.10 -31.78 -33.55
CA GLY H 81 4.24 -31.09 -32.93
C GLY H 81 4.94 -31.90 -31.82
N VAL H 82 5.98 -31.33 -31.20
CA VAL H 82 6.60 -31.94 -30.02
C VAL H 82 6.60 -30.89 -28.89
N SER H 83 6.51 -31.34 -27.63
CA SER H 83 6.39 -30.40 -26.53
C SER H 83 7.64 -29.55 -26.37
N VAL H 84 7.46 -28.26 -26.09
CA VAL H 84 8.56 -27.37 -25.73
C VAL H 84 8.42 -26.93 -24.26
N ASP H 85 7.26 -26.40 -23.92
CA ASP H 85 6.98 -25.98 -22.53
C ASP H 85 5.59 -26.39 -22.11
N MET H 86 5.47 -26.85 -20.88
CA MET H 86 4.15 -27.13 -20.35
CA MET H 86 4.16 -27.17 -20.34
C MET H 86 4.12 -26.70 -18.91
N ASN H 87 2.97 -26.14 -18.51
CA ASN H 87 2.79 -25.81 -17.12
C ASN H 87 1.41 -26.29 -16.70
N ILE H 88 1.26 -26.55 -15.42
CA ILE H 88 -0.04 -27.04 -14.91
C ILE H 88 -0.16 -26.47 -13.49
N THR H 89 -1.35 -25.97 -13.16
CA THR H 89 -1.70 -25.49 -11.83
C THR H 89 -2.84 -26.36 -11.30
N TYR H 90 -2.67 -26.83 -10.06
CA TYR H 90 -3.57 -27.83 -9.49
C TYR H 90 -4.37 -27.11 -8.41
N MET H 91 -5.67 -26.97 -8.64
CA MET H 91 -6.53 -26.13 -7.80
C MET H 91 -7.45 -26.88 -6.85
N SER H 92 -7.86 -28.08 -7.25
CA SER H 92 -8.62 -28.97 -6.37
CA SER H 92 -8.71 -28.96 -6.42
C SER H 92 -8.43 -30.43 -6.73
N PRO H 93 -8.59 -31.32 -5.73
CA PRO H 93 -8.40 -32.74 -6.02
C PRO H 93 -9.56 -33.34 -6.79
N ALA H 94 -9.24 -34.32 -7.63
CA ALA H 94 -10.25 -35.13 -8.28
C ALA H 94 -10.18 -36.48 -7.59
N LYS H 95 -11.23 -36.79 -6.82
CA LYS H 95 -11.22 -37.97 -5.98
C LYS H 95 -11.65 -39.21 -6.76
N LEU H 96 -11.17 -40.38 -6.32
CA LEU H 96 -11.58 -41.65 -6.88
C LEU H 96 -13.09 -41.70 -7.05
N GLY H 97 -13.55 -42.07 -8.23
CA GLY H 97 -14.97 -42.13 -8.49
C GLY H 97 -15.61 -40.90 -9.12
N GLU H 98 -14.90 -39.76 -9.13
CA GLU H 98 -15.40 -38.54 -9.76
C GLU H 98 -15.26 -38.58 -11.28
N ASP H 99 -16.19 -37.95 -12.01
CA ASP H 99 -16.09 -37.78 -13.46
C ASP H 99 -15.52 -36.41 -13.73
N ILE H 100 -14.55 -36.38 -14.64
CA ILE H 100 -13.87 -35.15 -14.97
C ILE H 100 -14.02 -34.85 -16.43
N VAL H 101 -14.06 -33.57 -16.77
CA VAL H 101 -14.12 -33.12 -18.14
C VAL H 101 -12.77 -32.48 -18.46
N ILE H 102 -12.22 -32.83 -19.62
CA ILE H 102 -10.93 -32.28 -20.09
C ILE H 102 -11.21 -31.48 -21.37
N THR H 103 -11.05 -30.16 -21.31
CA THR H 103 -11.37 -29.29 -22.43
C THR H 103 -10.10 -28.61 -22.93
N ALA H 104 -9.73 -28.88 -24.17
CA ALA H 104 -8.52 -28.31 -24.77
C ALA H 104 -8.85 -27.33 -25.88
N HIS H 105 -8.15 -26.19 -25.91
CA HIS H 105 -8.28 -25.32 -27.06
CA HIS H 105 -8.30 -25.11 -26.91
C HIS H 105 -6.96 -24.80 -27.57
N VAL H 106 -6.94 -24.61 -28.88
CA VAL H 106 -5.75 -24.09 -29.54
C VAL H 106 -5.87 -22.59 -29.44
N LEU H 107 -4.86 -21.96 -28.85
CA LEU H 107 -4.87 -20.50 -28.62
C LEU H 107 -4.31 -19.72 -29.80
N LYS H 108 -3.26 -20.23 -30.42
CA LYS H 108 -2.59 -19.59 -31.56
C LYS H 108 -1.79 -20.69 -32.26
N GLN H 109 -1.81 -20.69 -33.59
CA GLN H 109 -0.90 -21.51 -34.37
C GLN H 109 -0.03 -20.65 -35.28
N GLY H 110 1.29 -20.84 -35.21
CA GLY H 110 2.19 -20.14 -36.10
C GLY H 110 2.91 -21.06 -37.05
N LYS H 111 3.95 -20.53 -37.69
CA LYS H 111 4.75 -21.31 -38.64
C LYS H 111 5.47 -22.46 -37.96
N THR H 112 6.03 -22.22 -36.77
CA THR H 112 6.81 -23.27 -36.14
C THR H 112 6.35 -23.59 -34.71
N LEU H 113 5.46 -22.77 -34.17
CA LEU H 113 4.99 -22.99 -32.78
C LEU H 113 3.47 -22.96 -32.67
N ALA H 114 2.92 -23.80 -31.79
CA ALA H 114 1.47 -23.81 -31.52
C ALA H 114 1.30 -23.66 -30.01
N PHE H 115 0.25 -22.96 -29.61
CA PHE H 115 -0.02 -22.65 -28.21
C PHE H 115 -1.41 -23.14 -27.85
N THR H 116 -1.53 -23.79 -26.69
CA THR H 116 -2.71 -24.56 -26.40
C THR H 116 -3.00 -24.46 -24.89
N SER H 117 -4.28 -24.44 -24.50
CA SER H 117 -4.65 -24.42 -23.09
CA SER H 117 -4.67 -24.40 -23.06
C SER H 117 -5.61 -25.55 -22.77
N VAL H 118 -5.55 -26.07 -21.53
CA VAL H 118 -6.43 -27.19 -21.15
C VAL H 118 -6.97 -26.94 -19.76
N ASP H 119 -8.30 -27.11 -19.59
CA ASP H 119 -8.98 -27.02 -18.30
C ASP H 119 -9.52 -28.41 -17.94
N LEU H 120 -9.28 -28.86 -16.71
CA LEU H 120 -9.91 -30.08 -16.20
C LEU H 120 -10.89 -29.61 -15.13
N THR H 121 -12.14 -30.04 -15.25
CA THR H 121 -13.20 -29.61 -14.35
C THR H 121 -13.95 -30.84 -13.83
N ASN H 122 -14.55 -30.70 -12.66
CA ASN H 122 -15.45 -31.74 -12.14
C ASN H 122 -16.73 -31.68 -12.97
N LYS H 123 -17.16 -32.81 -13.53
CA LYS H 123 -18.30 -32.82 -14.43
C LYS H 123 -19.59 -32.37 -13.71
N ALA H 124 -19.74 -32.81 -12.47
CA ALA H 124 -20.95 -32.49 -11.69
C ALA H 124 -21.00 -31.04 -11.26
N THR H 125 -19.91 -30.55 -10.69
CA THR H 125 -19.91 -29.27 -9.97
C THR H 125 -19.37 -28.14 -10.85
N GLY H 126 -18.59 -28.51 -11.86
CA GLY H 126 -17.96 -27.55 -12.76
C GLY H 126 -16.68 -26.92 -12.20
N LYS H 127 -16.31 -27.30 -10.99
CA LYS H 127 -15.15 -26.70 -10.31
C LYS H 127 -13.83 -27.13 -10.97
N LEU H 128 -12.91 -26.18 -11.05
CA LEU H 128 -11.64 -26.39 -11.74
C LEU H 128 -10.79 -27.36 -10.93
N ILE H 129 -10.42 -28.49 -11.55
CA ILE H 129 -9.39 -29.39 -10.98
C ILE H 129 -7.99 -28.81 -11.30
N ALA H 130 -7.76 -28.45 -12.55
CA ALA H 130 -6.41 -27.98 -12.93
C ALA H 130 -6.53 -27.21 -14.23
N GLN H 131 -5.51 -26.41 -14.49
CA GLN H 131 -5.43 -25.72 -15.75
C GLN H 131 -4.00 -25.83 -16.21
N GLY H 132 -3.82 -26.07 -17.51
CA GLY H 132 -2.47 -26.13 -18.06
C GLY H 132 -2.33 -25.44 -19.39
N ARG H 133 -1.10 -25.09 -19.73
CA ARG H 133 -0.79 -24.50 -21.03
C ARG H 133 0.35 -25.28 -21.61
N HIS H 134 0.37 -25.39 -22.93
CA HIS H 134 1.30 -26.34 -23.58
C HIS H 134 1.70 -25.74 -24.91
N THR H 135 2.99 -25.46 -25.05
CA THR H 135 3.57 -24.88 -26.27
C THR H 135 4.28 -26.02 -26.98
N LYS H 136 3.99 -26.18 -28.27
CA LYS H 136 4.59 -27.26 -29.06
C LYS H 136 5.32 -26.71 -30.30
N HIS H 137 6.39 -27.39 -30.67
CA HIS H 137 7.17 -26.99 -31.85
C HIS H 137 6.74 -27.84 -33.04
N LEU H 138 6.38 -27.15 -34.13
CA LEU H 138 5.87 -27.82 -35.32
C LEU H 138 6.93 -27.94 -36.40
N GLY H 139 7.91 -27.05 -36.40
CA GLY H 139 8.95 -27.01 -37.44
C GLY H 139 8.64 -25.97 -38.49
#